data_9B83
#
_entry.id   9B83
#
_cell.length_a   1.00
_cell.length_b   1.00
_cell.length_c   1.00
_cell.angle_alpha   90.00
_cell.angle_beta   90.00
_cell.angle_gamma   90.00
#
_symmetry.space_group_name_H-M   'P 1'
#
loop_
_entity.id
_entity.type
_entity.pdbx_description
1 polymer 'RNA (31-MER)'
2 polymer 'Maltodextrin-binding protein,Double-stranded RNA-specific adenosine deaminase'
3 non-polymer 'INOSITOL HEXAKISPHOSPHATE'
4 non-polymer 'ZINC ION'
#
loop_
_entity_poly.entity_id
_entity_poly.type
_entity_poly.pdbx_seq_one_letter_code
_entity_poly.pdbx_strand_id
1 'polyribonucleotide' GGGAGCCCCCC(8AZ)GCUUCACUGCAUGGAAGCUAAAGGGCU C
2 'polypeptide(L)'
;MKIEEGKLVIWINGDKGYNGLAEVGKKFEKDTGIKVTVEHPDKLEEKFPQVAATGDGPDIIFWAHDRFGGYAQSGLLAEI
TPDKAFQDKLYPFTWDAVRYNGKLIAYPIAVEALSLIYNKDLLPNPPKTWEEIPALDKELKAKGKSALMFNLQEPYFTWP
LIAADGGYAFKYENGKYDIKDVGVDNAGAKAGLTFLVDLIKNKHMNADTDYSIAEAAFNKGETAMTINGPWAWSNIDTSK
VNYGVTVLPTFKGQPSKPFVGVLSAGINAASPNKELAKEFLENYLLTDEGLEAVNKDKPLGAVALKSYEEELAKDPRIAA
TMENAQKGEIMPNIPQMSAFWYAVRTAVINAASGRQTVDEALKDAQTNSSSNNNNNNNNNNLGLEVLFQGPVSSHFQELS
IYQDQEQRILKFLEELGEGKATTAHDLSGKLGTPKKEINRVLYSLAKKGKLQKEAGTPPLWKIAVSTQAWNQHSGVVRPD
GHSQGAPNSDPSLEPEDRNSTSVSEDLLEPFIAVSAQAWNQHSGVVRPDSHSQGSPNSDPGLEPEDSNSTSALEDPLEFL
DMAEIKEKICDYLFNVSDSSALNLAKNIGLTKARDINAVLIDMERQGDVYRQGTTPPIWHLTDKKRERMQIKRNTNSVPE
TAPAAIPETKRNAEFLTCNIPTSNASNNMVTTEKVENGQEPVIKLENRQEARPEPARLKPPVHYNGPSKAGYVDFENGQW
ATDDIPDDLNSIRAAPGEFRAIMEMPSFYSHGLPRCSPYKKLTECQLKNPISGLLEYAQFASQTCEFNMIEQSGPPHEPR
FKFQVVINGREFPPAEAGSKKVAKQDAAMKAMTILLEEAKAKDSGKSEESSHYSTEKESEKTAESQTPTPSATSFFSGKS
PVTTLLECMHKLGNSCEFRLLSKEGPAHEPKFQYCVAVGAQTFPSVSAPSKKVAKQMAAEEAMKALHGEATNSMASDNQP
EGMISESLDNLESMMPNKVRKIGELVRYLNTNPVGGLLEYARSHGFAAEFKLVDQSGPPHEPKFVYQAKVGGRWFPAVCA
HSKKQGKQEAADAALRVLIGENEKAERMGFTEVTPVTGASLRRTMLLLSRSPEAQPKTLPLTGSTFHDQIAMLSHRCFNT
LTNSFQPSLLGRKILAAIIMKKDSEDMGVVVSLGTGNRCVKGDSLSLKGETVNDCHAEIISRRGFIRFLYSELMKYNSQT
AKDSIFEPAKGGEKLQIKKTVSFHLYISTAPCGDGALFDKSCSDRAMESTESRHYPVFENPKQGKLRTKVENGEGTIPVE
SSDIVPTWDGIRLGERLRTMSCSDKILRWNVLGLQGALLTHFLQPIYLKSVTLGYLFSQGHLTRAICCRVTRDGSAFEDG
LRHPFIVNHPKVGRVSIYDSKRQSGKTKETSVNWCLADGYDLEILDGTRGTVDGPRNELSRVSKKNIFLLFKKLCSFRYR
RDLLRLSYGEAKKAARDYETAKNYFKKGLKDMGYGNWISKPQEEKNFYLCPV
;
A,B
#
# COMPACT_ATOMS: atom_id res chain seq x y z
N THR B 1105 30.84 -5.96 -27.54
CA THR B 1105 31.26 -4.93 -28.48
C THR B 1105 32.11 -3.87 -27.80
N PHE B 1106 33.01 -3.25 -28.56
CA PHE B 1106 33.87 -2.19 -28.06
C PHE B 1106 33.01 -1.18 -27.33
N HIS B 1107 33.18 -1.09 -26.01
CA HIS B 1107 32.28 -0.30 -25.17
C HIS B 1107 32.31 1.18 -25.53
N ASP B 1108 33.48 1.72 -25.86
CA ASP B 1108 33.57 3.14 -26.20
C ASP B 1108 32.58 3.50 -27.29
N GLN B 1109 32.30 2.55 -28.20
CA GLN B 1109 31.31 2.77 -29.25
C GLN B 1109 29.91 2.92 -28.67
N ILE B 1110 29.55 2.08 -27.70
CA ILE B 1110 28.24 2.17 -27.08
C ILE B 1110 28.09 3.50 -26.37
N ALA B 1111 29.12 3.90 -25.62
CA ALA B 1111 29.06 5.18 -24.89
C ALA B 1111 28.93 6.37 -25.85
N MET B 1112 29.74 6.39 -26.92
CA MET B 1112 29.64 7.49 -27.86
C MET B 1112 28.28 7.51 -28.55
N LEU B 1113 27.75 6.35 -28.91
CA LEU B 1113 26.43 6.32 -29.54
C LEU B 1113 25.36 6.89 -28.61
N SER B 1114 25.37 6.46 -27.34
CA SER B 1114 24.36 6.93 -26.40
C SER B 1114 24.45 8.44 -26.20
N HIS B 1115 25.66 8.95 -25.98
CA HIS B 1115 25.78 10.37 -25.68
C HIS B 1115 25.57 11.24 -26.90
N ARG B 1116 25.94 10.77 -28.09
CA ARG B 1116 25.62 11.51 -29.30
C ARG B 1116 24.12 11.54 -29.55
N CYS B 1117 23.42 10.42 -29.33
CA CYS B 1117 21.97 10.43 -29.48
C CYS B 1117 21.33 11.43 -28.52
N PHE B 1118 21.76 11.42 -27.26
CA PHE B 1118 21.23 12.38 -26.30
C PHE B 1118 21.50 13.81 -26.74
N ASN B 1119 22.74 14.11 -27.12
CA ASN B 1119 23.08 15.48 -27.49
C ASN B 1119 22.29 15.93 -28.72
N THR B 1120 22.12 15.04 -29.71
CA THR B 1120 21.34 15.39 -30.88
C THR B 1120 19.88 15.66 -30.53
N LEU B 1121 19.30 14.82 -29.66
CA LEU B 1121 17.90 15.03 -29.29
C LEU B 1121 17.71 16.34 -28.53
N THR B 1122 18.62 16.65 -27.62
CA THR B 1122 18.52 17.84 -26.77
C THR B 1122 19.54 18.91 -27.19
N ASN B 1123 19.78 19.05 -28.49
CA ASN B 1123 20.79 19.99 -28.96
C ASN B 1123 20.37 21.44 -28.73
N SER B 1124 19.09 21.76 -28.90
CA SER B 1124 18.66 23.15 -28.76
C SER B 1124 17.37 23.24 -27.97
N PHE B 1125 17.22 22.43 -26.93
CA PHE B 1125 16.03 22.50 -26.09
C PHE B 1125 16.28 23.46 -24.92
N GLN B 1126 15.38 23.41 -23.94
CA GLN B 1126 15.45 24.33 -22.81
C GLN B 1126 16.72 24.07 -21.99
N PRO B 1127 17.27 25.11 -21.36
CA PRO B 1127 18.52 24.94 -20.60
C PRO B 1127 18.36 24.15 -19.32
N SER B 1128 17.14 23.75 -18.95
CA SER B 1128 16.92 23.01 -17.72
C SER B 1128 17.59 21.63 -17.73
N LEU B 1129 17.99 21.13 -18.91
CA LEU B 1129 18.66 19.84 -19.02
C LEU B 1129 20.18 19.98 -18.99
N LEU B 1130 20.70 21.03 -18.35
CA LEU B 1130 22.13 21.25 -18.21
C LEU B 1130 22.66 20.84 -16.84
N GLY B 1131 21.82 20.29 -15.97
CA GLY B 1131 22.26 19.78 -14.69
C GLY B 1131 22.83 18.38 -14.79
N ARG B 1132 23.31 17.88 -13.65
CA ARG B 1132 23.83 16.53 -13.63
C ARG B 1132 22.70 15.53 -13.86
N LYS B 1133 23.05 14.40 -14.46
CA LYS B 1133 22.05 13.40 -14.82
C LYS B 1133 22.72 12.05 -14.91
N ILE B 1134 21.90 11.01 -14.89
CA ILE B 1134 22.33 9.64 -15.16
C ILE B 1134 21.66 9.21 -16.45
N LEU B 1135 22.44 8.71 -17.40
CA LEU B 1135 21.93 8.36 -18.71
C LEU B 1135 22.04 6.86 -18.93
N ALA B 1136 20.97 6.27 -19.47
CA ALA B 1136 20.95 4.87 -19.86
C ALA B 1136 20.40 4.76 -21.27
N ALA B 1137 20.90 3.77 -22.01
CA ALA B 1137 20.50 3.55 -23.39
C ALA B 1137 20.55 2.07 -23.70
N ILE B 1138 19.73 1.65 -24.67
CA ILE B 1138 19.75 0.29 -25.19
C ILE B 1138 20.07 0.35 -26.67
N ILE B 1139 21.05 -0.46 -27.10
CA ILE B 1139 21.53 -0.46 -28.47
C ILE B 1139 21.25 -1.81 -29.11
N MET B 1140 20.83 -1.80 -30.36
CA MET B 1140 20.54 -3.01 -31.13
C MET B 1140 21.51 -3.10 -32.29
N LYS B 1141 22.08 -4.28 -32.50
CA LYS B 1141 23.04 -4.50 -33.58
C LYS B 1141 22.52 -5.63 -34.47
N LYS B 1142 22.24 -5.31 -35.72
CA LYS B 1142 21.60 -6.26 -36.62
C LYS B 1142 22.57 -7.29 -37.18
N ASP B 1143 23.84 -6.95 -37.35
CA ASP B 1143 24.82 -7.94 -37.77
C ASP B 1143 26.19 -7.54 -37.24
N SER B 1144 27.24 -8.07 -37.86
CA SER B 1144 28.60 -7.89 -37.35
C SER B 1144 29.16 -6.50 -37.68
N GLU B 1145 28.90 -6.01 -38.89
CA GLU B 1145 29.42 -4.73 -39.33
C GLU B 1145 28.47 -3.57 -39.04
N ASP B 1146 27.36 -3.83 -38.35
CA ASP B 1146 26.44 -2.76 -38.00
C ASP B 1146 27.12 -1.77 -37.05
N MET B 1147 27.03 -0.48 -37.40
CA MET B 1147 27.63 0.55 -36.56
C MET B 1147 26.93 0.63 -35.20
N GLY B 1148 25.62 0.43 -35.19
CA GLY B 1148 24.85 0.50 -33.97
C GLY B 1148 23.83 1.62 -34.00
N VAL B 1149 22.62 1.35 -33.51
CA VAL B 1149 21.55 2.34 -33.48
C VAL B 1149 20.88 2.30 -32.11
N VAL B 1150 20.66 3.47 -31.53
CA VAL B 1150 19.99 3.56 -30.24
C VAL B 1150 18.50 3.30 -30.43
N VAL B 1151 17.93 2.43 -29.60
CA VAL B 1151 16.51 2.11 -29.66
C VAL B 1151 15.75 2.55 -28.42
N SER B 1152 16.43 3.10 -27.43
CA SER B 1152 15.76 3.59 -26.22
C SER B 1152 16.65 4.63 -25.56
N LEU B 1153 16.06 5.36 -24.62
CA LEU B 1153 16.84 6.32 -23.85
C LEU B 1153 16.04 6.72 -22.62
N GLY B 1154 16.72 6.81 -21.48
CA GLY B 1154 16.08 7.19 -20.25
C GLY B 1154 17.08 7.89 -19.35
N THR B 1155 16.57 8.73 -18.46
CA THR B 1155 17.39 9.46 -17.51
C THR B 1155 16.63 9.52 -16.19
N GLY B 1156 17.11 10.36 -15.28
CA GLY B 1156 16.47 10.53 -14.01
C GLY B 1156 17.16 9.74 -12.90
N ASN B 1157 16.89 10.15 -11.66
CA ASN B 1157 17.49 9.51 -10.51
C ASN B 1157 16.54 9.37 -9.33
N ARG B 1158 15.26 9.70 -9.49
CA ARG B 1158 14.31 9.76 -8.40
C ARG B 1158 13.26 8.67 -8.56
N CYS B 1159 12.30 8.67 -7.64
CA CYS B 1159 11.17 7.76 -7.64
C CYS B 1159 9.96 8.53 -7.13
N VAL B 1160 8.81 7.87 -7.10
CA VAL B 1160 7.61 8.54 -6.62
C VAL B 1160 7.59 8.48 -5.11
N LYS B 1161 6.74 9.28 -4.50
CA LYS B 1161 6.49 9.18 -3.07
C LYS B 1161 5.33 8.23 -2.82
N GLY B 1162 5.08 7.93 -1.55
CA GLY B 1162 3.93 7.11 -1.21
C GLY B 1162 2.61 7.82 -1.36
N ASP B 1163 2.63 9.14 -1.34
CA ASP B 1163 1.41 9.93 -1.51
C ASP B 1163 0.96 9.99 -2.96
N SER B 1164 1.88 9.94 -3.92
CA SER B 1164 1.60 10.19 -5.32
C SER B 1164 1.22 8.94 -6.11
N LEU B 1165 1.04 7.80 -5.46
CA LEU B 1165 0.62 6.59 -6.16
C LEU B 1165 -0.79 6.77 -6.74
N SER B 1166 -1.12 5.91 -7.71
CA SER B 1166 -2.39 5.97 -8.40
C SER B 1166 -3.07 4.61 -8.41
N LEU B 1167 -4.40 4.62 -8.39
CA LEU B 1167 -5.19 3.40 -8.36
C LEU B 1167 -5.61 2.92 -9.74
N LYS B 1168 -5.31 3.67 -10.80
CA LYS B 1168 -5.66 3.29 -12.16
C LYS B 1168 -4.43 3.23 -13.07
N GLY B 1169 -3.23 3.14 -12.50
CA GLY B 1169 -2.01 3.09 -13.29
C GLY B 1169 -1.67 4.30 -14.12
N GLU B 1170 -1.83 5.50 -13.56
CA GLU B 1170 -1.51 6.73 -14.27
C GLU B 1170 -0.16 7.33 -13.87
N THR B 1171 0.64 6.62 -13.09
CA THR B 1171 1.93 7.14 -12.65
C THR B 1171 3.01 6.09 -12.88
N VAL B 1172 4.24 6.56 -13.01
CA VAL B 1172 5.40 5.68 -13.14
C VAL B 1172 6.04 5.58 -11.77
N ASN B 1173 6.19 4.35 -11.27
CA ASN B 1173 6.67 4.15 -9.92
C ASN B 1173 8.16 4.38 -9.76
N ASP B 1174 8.90 4.60 -10.86
CA ASP B 1174 10.34 4.79 -10.78
C ASP B 1174 10.74 5.76 -11.87
N CYS B 1175 11.92 6.37 -11.70
CA CYS B 1175 12.43 7.21 -12.77
C CYS B 1175 13.94 7.07 -12.95
N HIS B 1176 14.54 6.03 -12.39
CA HIS B 1176 15.95 5.76 -12.64
C HIS B 1176 16.17 5.54 -14.13
N ALA B 1177 17.38 5.89 -14.60
CA ALA B 1177 17.62 5.95 -16.04
C ALA B 1177 17.41 4.60 -16.72
N GLU B 1178 17.91 3.52 -16.11
CA GLU B 1178 17.79 2.21 -16.73
C GLU B 1178 16.34 1.76 -16.82
N ILE B 1179 15.53 2.11 -15.82
CA ILE B 1179 14.13 1.70 -15.80
C ILE B 1179 13.37 2.37 -16.93
N ILE B 1180 13.56 3.68 -17.10
CA ILE B 1180 12.89 4.40 -18.18
C ILE B 1180 13.39 3.90 -19.53
N SER B 1181 14.67 3.55 -19.61
CA SER B 1181 15.20 2.98 -20.84
C SER B 1181 14.53 1.65 -21.21
N ARG B 1182 14.33 0.77 -20.22
CA ARG B 1182 13.66 -0.50 -20.52
C ARG B 1182 12.20 -0.26 -20.92
N ARG B 1183 11.54 0.72 -20.30
CA ARG B 1183 10.17 1.03 -20.69
C ARG B 1183 10.10 1.52 -22.14
N GLY B 1184 11.06 2.38 -22.54
CA GLY B 1184 11.14 2.79 -23.92
C GLY B 1184 11.40 1.61 -24.86
N PHE B 1185 12.22 0.65 -24.42
CA PHE B 1185 12.43 -0.55 -25.21
C PHE B 1185 11.14 -1.34 -25.37
N ILE B 1186 10.31 -1.37 -24.33
CA ILE B 1186 9.02 -2.05 -24.43
C ILE B 1186 8.15 -1.38 -25.47
N ARG B 1187 8.12 -0.04 -25.47
CA ARG B 1187 7.36 0.68 -26.49
C ARG B 1187 7.87 0.39 -27.89
N PHE B 1188 9.20 0.34 -28.07
CA PHE B 1188 9.77 0.02 -29.38
C PHE B 1188 9.38 -1.39 -29.82
N LEU B 1189 9.40 -2.35 -28.89
CA LEU B 1189 9.01 -3.70 -29.22
C LEU B 1189 7.56 -3.75 -29.69
N TYR B 1190 6.68 -3.01 -29.00
CA TYR B 1190 5.27 -2.96 -29.41
C TYR B 1190 5.12 -2.37 -30.81
N SER B 1191 5.83 -1.28 -31.10
CA SER B 1191 5.74 -0.68 -32.44
C SER B 1191 6.26 -1.64 -33.51
N GLU B 1192 7.38 -2.31 -33.25
CA GLU B 1192 7.95 -3.22 -34.22
C GLU B 1192 7.05 -4.43 -34.45
N LEU B 1193 6.32 -4.85 -33.41
CA LEU B 1193 5.33 -5.91 -33.58
C LEU B 1193 4.15 -5.42 -34.41
N MET B 1194 3.77 -4.16 -34.25
CA MET B 1194 2.75 -3.57 -35.10
C MET B 1194 3.15 -3.61 -36.58
N LYS B 1195 4.39 -3.23 -36.87
CA LYS B 1195 4.82 -3.17 -38.27
C LYS B 1195 4.92 -4.54 -38.93
N TYR B 1196 5.03 -5.61 -38.16
CA TYR B 1196 5.25 -6.94 -38.71
C TYR B 1196 4.01 -7.44 -39.45
N ASN B 1197 4.25 -8.18 -40.52
CA ASN B 1197 3.19 -8.83 -41.29
C ASN B 1197 3.82 -9.95 -42.11
N SER B 1198 3.04 -10.54 -43.00
CA SER B 1198 3.55 -11.64 -43.83
C SER B 1198 4.47 -11.16 -44.93
N GLN B 1199 4.24 -9.96 -45.47
CA GLN B 1199 5.04 -9.48 -46.58
C GLN B 1199 6.43 -9.06 -46.12
N THR B 1200 6.53 -8.38 -44.98
CA THR B 1200 7.80 -7.84 -44.50
C THR B 1200 8.38 -8.66 -43.36
N ALA B 1201 8.24 -9.98 -43.43
CA ALA B 1201 8.80 -10.84 -42.38
C ALA B 1201 10.32 -10.85 -42.42
N LYS B 1202 10.91 -10.76 -43.61
CA LYS B 1202 12.37 -10.82 -43.72
C LYS B 1202 13.02 -9.55 -43.18
N ASP B 1203 12.49 -8.38 -43.53
CA ASP B 1203 13.07 -7.13 -43.06
C ASP B 1203 12.85 -6.90 -41.57
N SER B 1204 11.89 -7.58 -40.96
CA SER B 1204 11.63 -7.42 -39.54
C SER B 1204 12.61 -8.20 -38.70
N ILE B 1205 12.84 -7.72 -37.48
CA ILE B 1205 13.76 -8.36 -36.56
C ILE B 1205 13.20 -9.65 -35.97
N PHE B 1206 11.94 -9.97 -36.23
CA PHE B 1206 11.29 -11.15 -35.69
C PHE B 1206 11.24 -12.26 -36.74
N GLU B 1207 11.19 -13.49 -36.27
CA GLU B 1207 11.02 -14.66 -37.10
C GLU B 1207 10.09 -15.64 -36.41
N PRO B 1208 9.36 -16.45 -37.16
CA PRO B 1208 8.49 -17.45 -36.53
C PRO B 1208 9.29 -18.44 -35.70
N ALA B 1209 8.74 -18.82 -34.56
CA ALA B 1209 9.37 -19.81 -33.70
C ALA B 1209 8.82 -21.19 -34.04
N LYS B 1210 9.13 -22.18 -33.20
CA LYS B 1210 8.66 -23.54 -33.42
C LYS B 1210 7.15 -23.60 -33.22
N GLY B 1211 6.42 -23.78 -34.32
CA GLY B 1211 4.98 -23.88 -34.31
C GLY B 1211 4.26 -22.62 -34.75
N GLY B 1212 4.94 -21.47 -34.73
CA GLY B 1212 4.36 -20.22 -35.19
C GLY B 1212 3.39 -19.56 -34.24
N GLU B 1213 3.19 -20.11 -33.04
CA GLU B 1213 2.30 -19.47 -32.08
C GLU B 1213 2.81 -18.10 -31.68
N LYS B 1214 4.08 -18.02 -31.29
CA LYS B 1214 4.69 -16.77 -30.86
C LYS B 1214 5.97 -16.53 -31.66
N LEU B 1215 6.22 -15.26 -31.97
CA LEU B 1215 7.42 -14.89 -32.70
C LEU B 1215 8.65 -15.02 -31.80
N GLN B 1216 9.81 -14.72 -32.37
CA GLN B 1216 11.06 -14.69 -31.63
C GLN B 1216 12.02 -13.76 -32.35
N ILE B 1217 13.07 -13.38 -31.65
CA ILE B 1217 14.05 -12.46 -32.21
C ILE B 1217 14.97 -13.22 -33.15
N LYS B 1218 15.43 -12.54 -34.21
CA LYS B 1218 16.34 -13.17 -35.14
C LYS B 1218 17.67 -13.46 -34.47
N LYS B 1219 18.31 -14.56 -34.89
CA LYS B 1219 19.57 -14.95 -34.27
C LYS B 1219 20.71 -13.99 -34.60
N THR B 1220 20.51 -13.10 -35.55
CA THR B 1220 21.53 -12.12 -35.92
C THR B 1220 21.37 -10.80 -35.19
N VAL B 1221 20.27 -10.59 -34.48
CA VAL B 1221 19.98 -9.33 -33.82
C VAL B 1221 20.33 -9.46 -32.34
N SER B 1222 21.05 -8.48 -31.82
CA SER B 1222 21.49 -8.47 -30.43
C SER B 1222 21.21 -7.12 -29.80
N PHE B 1223 21.13 -7.11 -28.46
CA PHE B 1223 20.82 -5.91 -27.70
C PHE B 1223 21.88 -5.68 -26.62
N HIS B 1224 22.30 -4.42 -26.48
CA HIS B 1224 23.27 -4.01 -25.47
C HIS B 1224 22.72 -2.84 -24.66
N LEU B 1225 23.20 -2.71 -23.43
CA LEU B 1225 22.72 -1.69 -22.51
C LEU B 1225 23.90 -0.92 -21.92
N TYR B 1226 23.80 0.40 -21.95
CA TYR B 1226 24.82 1.28 -21.37
C TYR B 1226 24.21 2.11 -20.27
N ILE B 1227 24.86 2.16 -19.11
CA ILE B 1227 24.45 3.01 -18.00
C ILE B 1227 25.61 3.94 -17.65
N SER B 1228 25.31 5.22 -17.47
CA SER B 1228 26.37 6.20 -17.25
C SER B 1228 27.06 6.04 -15.90
N THR B 1229 26.43 5.37 -14.93
CA THR B 1229 27.05 5.06 -13.66
C THR B 1229 26.69 3.62 -13.29
N ALA B 1230 27.18 3.17 -12.14
CA ALA B 1230 26.84 1.82 -11.72
C ALA B 1230 25.40 1.77 -11.24
N PRO B 1231 24.71 0.65 -11.46
CA PRO B 1231 23.32 0.53 -10.99
C PRO B 1231 23.27 0.50 -9.48
N CYS B 1232 22.31 1.23 -8.92
CA CYS B 1232 22.16 1.30 -7.48
C CYS B 1232 21.87 -0.08 -6.90
N GLY B 1233 22.37 -0.33 -5.70
CA GLY B 1233 22.11 -1.58 -5.03
C GLY B 1233 23.34 -2.42 -4.83
N ASP B 1234 23.26 -3.72 -5.18
CA ASP B 1234 24.39 -4.62 -4.97
C ASP B 1234 25.57 -4.34 -5.89
N GLY B 1235 25.38 -3.50 -6.90
CA GLY B 1235 26.44 -3.13 -7.82
C GLY B 1235 27.24 -1.89 -7.49
N ALA B 1236 27.05 -1.29 -6.31
CA ALA B 1236 27.77 -0.07 -5.99
C ALA B 1236 28.27 0.00 -4.54
N LEU B 1237 28.58 -1.14 -3.93
CA LEU B 1237 29.11 -1.11 -2.56
C LEU B 1237 30.64 -1.14 -2.58
N PHE B 1238 31.22 -0.14 -3.24
CA PHE B 1238 32.66 0.02 -3.31
C PHE B 1238 32.98 1.44 -3.74
N ASP B 1239 34.09 1.95 -3.22
CA ASP B 1239 34.51 3.31 -3.47
C ASP B 1239 34.91 3.49 -4.94
N LYS B 1240 34.84 4.73 -5.41
CA LYS B 1240 35.31 5.05 -6.74
C LYS B 1240 36.80 4.79 -6.89
N SER B 1241 37.55 4.82 -5.79
CA SER B 1241 38.97 4.51 -5.80
C SER B 1241 39.24 3.04 -6.08
N CYS B 1242 38.21 2.18 -5.99
CA CYS B 1242 38.30 0.77 -6.31
C CYS B 1242 38.12 0.48 -7.80
N SER B 1243 38.36 1.50 -8.64
CA SER B 1243 38.13 1.37 -10.07
C SER B 1243 39.16 0.44 -10.71
N ASP B 1244 38.69 -0.68 -11.25
CA ASP B 1244 39.54 -1.58 -12.02
C ASP B 1244 39.86 -0.95 -13.37
N ARG B 1245 40.98 -1.39 -13.95
CA ARG B 1245 41.38 -0.89 -15.26
C ARG B 1245 40.68 -1.68 -16.37
N ALA B 1246 40.49 -1.00 -17.51
CA ALA B 1246 39.80 -1.59 -18.65
C ALA B 1246 40.72 -2.58 -19.36
N MET B 1247 40.27 -3.83 -19.45
CA MET B 1247 41.00 -4.87 -20.18
C MET B 1247 40.08 -5.49 -21.22
N GLU B 1248 40.62 -5.71 -22.42
CA GLU B 1248 39.85 -6.31 -23.51
C GLU B 1248 40.02 -7.84 -23.47
N SER B 1249 39.50 -8.42 -22.39
CA SER B 1249 39.61 -9.85 -22.19
C SER B 1249 38.75 -10.60 -23.20
N THR B 1250 39.37 -11.52 -23.95
CA THR B 1250 38.63 -12.31 -24.92
C THR B 1250 37.66 -13.27 -24.25
N GLU B 1251 38.03 -13.80 -23.09
CA GLU B 1251 37.16 -14.74 -22.37
C GLU B 1251 35.90 -14.04 -21.90
N SER B 1252 34.79 -14.77 -21.92
CA SER B 1252 33.50 -14.25 -21.46
C SER B 1252 33.13 -14.75 -20.06
N ARG B 1253 33.99 -15.51 -19.40
CA ARG B 1253 33.64 -16.13 -18.13
C ARG B 1253 33.72 -15.11 -17.01
N HIS B 1254 32.64 -14.99 -16.24
CA HIS B 1254 32.59 -13.98 -15.20
C HIS B 1254 33.42 -14.40 -13.99
N TYR B 1255 33.69 -13.44 -13.11
CA TYR B 1255 34.45 -13.67 -11.88
C TYR B 1255 33.78 -12.99 -10.69
N PRO B 1256 32.68 -13.54 -10.19
CA PRO B 1256 32.03 -12.96 -9.02
C PRO B 1256 32.86 -13.18 -7.76
N VAL B 1257 32.70 -12.28 -6.79
CA VAL B 1257 33.38 -12.36 -5.51
C VAL B 1257 32.37 -12.18 -4.39
N PHE B 1258 32.34 -13.14 -3.47
CA PHE B 1258 31.45 -13.11 -2.32
C PHE B 1258 32.27 -12.90 -1.04
N GLU B 1259 32.78 -11.68 -0.89
CA GLU B 1259 33.65 -11.36 0.23
C GLU B 1259 32.93 -11.49 1.59
N ASN B 1260 31.70 -11.04 1.69
CA ASN B 1260 30.97 -11.08 2.96
C ASN B 1260 29.57 -11.61 2.72
N PRO B 1261 28.92 -12.14 3.77
CA PRO B 1261 27.51 -12.55 3.63
C PRO B 1261 26.58 -11.39 3.31
N LYS B 1262 26.89 -10.18 3.81
CA LYS B 1262 26.02 -9.03 3.59
C LYS B 1262 25.88 -8.71 2.11
N GLN B 1263 26.95 -8.87 1.33
CA GLN B 1263 26.85 -8.77 -0.11
C GLN B 1263 26.03 -9.89 -0.73
N GLY B 1264 25.24 -9.55 -1.75
CA GLY B 1264 24.26 -10.42 -2.35
C GLY B 1264 22.84 -10.18 -1.87
N LYS B 1265 22.69 -9.48 -0.75
CA LYS B 1265 21.39 -9.15 -0.22
C LYS B 1265 20.62 -8.20 -1.13
N LEU B 1266 19.30 -8.36 -1.15
CA LEU B 1266 18.47 -7.52 -1.98
C LEU B 1266 18.28 -6.20 -1.25
N ARG B 1267 17.78 -5.18 -1.96
CA ARG B 1267 17.77 -3.86 -1.36
C ARG B 1267 16.79 -2.97 -2.10
N THR B 1268 16.26 -1.97 -1.39
CA THR B 1268 15.21 -1.11 -1.89
C THR B 1268 15.59 0.35 -1.69
N LYS B 1269 15.10 1.22 -2.58
CA LYS B 1269 15.25 2.66 -2.45
C LYS B 1269 14.07 3.22 -1.64
N VAL B 1270 14.29 3.43 -0.33
CA VAL B 1270 13.17 3.89 0.50
C VAL B 1270 12.87 5.36 0.20
N GLU B 1271 11.65 5.75 0.53
CA GLU B 1271 11.18 7.11 0.26
C GLU B 1271 11.67 8.05 1.36
N ASN B 1272 12.11 9.24 0.96
CA ASN B 1272 12.62 10.26 1.86
C ASN B 1272 13.84 9.78 2.67
N GLY B 1273 14.47 8.70 2.23
CA GLY B 1273 15.67 8.21 2.88
C GLY B 1273 16.85 8.22 1.94
N GLU B 1274 18.05 8.15 2.50
CA GLU B 1274 19.28 8.17 1.73
C GLU B 1274 19.98 6.82 1.84
N GLY B 1275 20.54 6.36 0.72
CA GLY B 1275 21.21 5.08 0.67
C GLY B 1275 20.38 4.03 -0.03
N THR B 1276 20.82 2.79 0.10
CA THR B 1276 20.12 1.64 -0.48
C THR B 1276 20.14 0.50 0.53
N ILE B 1277 19.01 0.31 1.21
CA ILE B 1277 18.86 -0.50 2.41
C ILE B 1277 18.27 -1.87 2.09
N PRO B 1278 18.81 -2.94 2.66
CA PRO B 1278 18.29 -4.28 2.36
C PRO B 1278 16.86 -4.48 2.84
N VAL B 1279 16.25 -5.53 2.31
CA VAL B 1279 14.96 -5.99 2.79
C VAL B 1279 15.25 -6.53 4.19
N GLU B 1280 14.87 -5.76 5.20
CA GLU B 1280 15.27 -6.00 6.57
C GLU B 1280 14.43 -7.13 7.15
N SER B 1281 14.50 -7.28 8.46
CA SER B 1281 13.47 -8.03 9.15
C SER B 1281 12.32 -7.07 9.38
N SER B 1282 11.92 -6.36 8.31
CA SER B 1282 10.83 -5.40 8.35
C SER B 1282 9.63 -6.08 7.70
N ASP B 1283 8.74 -6.60 8.52
CA ASP B 1283 7.59 -7.32 8.01
C ASP B 1283 6.45 -6.40 7.65
N ILE B 1284 6.71 -5.10 7.48
CA ILE B 1284 5.67 -4.16 7.09
C ILE B 1284 5.14 -4.57 5.73
N VAL B 1285 3.89 -5.02 5.69
CA VAL B 1285 3.27 -5.50 4.46
C VAL B 1285 2.83 -4.29 3.65
N PRO B 1286 3.28 -4.15 2.41
CA PRO B 1286 2.87 -2.99 1.59
C PRO B 1286 1.37 -3.04 1.32
N THR B 1287 0.67 -2.00 1.73
CA THR B 1287 -0.76 -1.88 1.56
C THR B 1287 -1.06 -0.49 1.03
N TRP B 1288 -2.17 -0.35 0.32
CA TRP B 1288 -2.50 0.94 -0.28
C TRP B 1288 -2.81 1.97 0.79
N ASP B 1289 -3.81 1.70 1.62
CA ASP B 1289 -4.19 2.64 2.67
C ASP B 1289 -3.09 2.79 3.71
N GLY B 1290 -2.30 1.74 3.94
CA GLY B 1290 -1.19 1.86 4.85
C GLY B 1290 -0.14 2.85 4.37
N ILE B 1291 0.25 2.74 3.10
CA ILE B 1291 1.19 3.70 2.53
C ILE B 1291 0.60 5.10 2.50
N ARG B 1292 -0.71 5.20 2.23
CA ARG B 1292 -1.35 6.50 2.23
C ARG B 1292 -1.31 7.12 3.63
N LEU B 1293 -1.48 6.30 4.66
CA LEU B 1293 -1.54 6.77 6.03
C LEU B 1293 -0.18 7.19 6.58
N GLY B 1294 0.91 6.87 5.88
CA GLY B 1294 2.21 7.37 6.29
C GLY B 1294 3.34 6.39 6.49
N GLU B 1295 3.26 5.17 5.97
CA GLU B 1295 4.42 4.31 6.09
C GLU B 1295 5.40 4.61 4.96
N ARG B 1296 6.55 3.93 5.00
CA ARG B 1296 7.64 4.16 4.06
C ARG B 1296 7.44 3.32 2.81
N LEU B 1297 7.59 3.95 1.65
CA LEU B 1297 7.44 3.28 0.37
C LEU B 1297 8.81 2.81 -0.11
N ARG B 1298 8.93 1.52 -0.40
CA ARG B 1298 10.20 0.90 -0.78
C ARG B 1298 10.12 0.40 -2.23
N THR B 1299 10.90 1.03 -3.10
CA THR B 1299 11.04 0.61 -4.49
C THR B 1299 12.36 -0.15 -4.65
N MET B 1300 12.31 -1.28 -5.35
CA MET B 1300 13.49 -2.12 -5.46
C MET B 1300 14.61 -1.44 -6.24
N SER B 1301 15.84 -1.81 -5.91
CA SER B 1301 17.02 -1.19 -6.51
C SER B 1301 17.17 -1.62 -7.96
N CYS B 1302 17.91 -0.80 -8.72
CA CYS B 1302 18.07 -1.06 -10.15
C CYS B 1302 18.86 -2.35 -10.41
N SER B 1303 19.80 -2.70 -9.53
CA SER B 1303 20.57 -3.93 -9.72
C SER B 1303 19.68 -5.16 -9.64
N ASP B 1304 18.76 -5.18 -8.68
CA ASP B 1304 17.81 -6.28 -8.60
C ASP B 1304 16.93 -6.35 -9.84
N LYS B 1305 16.50 -5.19 -10.35
CA LYS B 1305 15.68 -5.20 -11.55
C LYS B 1305 16.46 -5.74 -12.74
N ILE B 1306 17.74 -5.39 -12.87
CA ILE B 1306 18.54 -5.91 -13.97
C ILE B 1306 18.73 -7.40 -13.83
N LEU B 1307 18.90 -7.89 -12.59
CA LEU B 1307 18.96 -9.34 -12.38
C LEU B 1307 17.65 -9.99 -12.82
N ARG B 1308 16.52 -9.36 -12.51
CA ARG B 1308 15.23 -9.90 -12.93
C ARG B 1308 15.13 -9.95 -14.44
N TRP B 1309 15.61 -8.92 -15.14
CA TRP B 1309 15.62 -8.97 -16.60
C TRP B 1309 16.49 -10.12 -17.10
N ASN B 1310 17.67 -10.31 -16.51
CA ASN B 1310 18.56 -11.36 -16.99
C ASN B 1310 17.98 -12.74 -16.74
N VAL B 1311 17.13 -12.89 -15.72
CA VAL B 1311 16.57 -14.20 -15.46
C VAL B 1311 15.24 -14.42 -16.20
N LEU B 1312 14.49 -13.35 -16.46
CA LEU B 1312 13.17 -13.46 -17.07
C LEU B 1312 13.10 -12.90 -18.48
N GLY B 1313 13.58 -11.70 -18.72
CA GLY B 1313 13.58 -11.09 -20.04
C GLY B 1313 13.23 -9.63 -19.96
N LEU B 1314 13.64 -8.87 -20.98
CA LEU B 1314 13.35 -7.45 -21.01
C LEU B 1314 11.97 -7.12 -21.56
N GLN B 1315 11.22 -8.10 -22.04
CA GLN B 1315 9.93 -7.87 -22.67
C GLN B 1315 8.77 -7.81 -21.67
N GLY B 1316 9.01 -8.06 -20.40
CA GLY B 1316 7.94 -8.03 -19.43
C GLY B 1316 7.09 -9.28 -19.48
N ALA B 1317 5.87 -9.14 -18.95
CA ALA B 1317 4.93 -10.26 -18.84
C ALA B 1317 3.84 -10.25 -19.91
N LEU B 1318 3.36 -9.07 -20.31
CA LEU B 1318 2.33 -9.00 -21.32
C LEU B 1318 2.86 -9.41 -22.68
N LEU B 1319 4.04 -8.90 -23.05
CA LEU B 1319 4.60 -9.17 -24.36
C LEU B 1319 4.95 -10.65 -24.56
N THR B 1320 5.08 -11.42 -23.48
CA THR B 1320 5.45 -12.82 -23.63
C THR B 1320 4.36 -13.64 -24.30
N HIS B 1321 3.16 -13.07 -24.47
CA HIS B 1321 2.13 -13.77 -25.22
C HIS B 1321 2.54 -13.98 -26.67
N PHE B 1322 3.16 -12.97 -27.28
CA PHE B 1322 3.52 -13.02 -28.69
C PHE B 1322 4.99 -13.25 -28.94
N LEU B 1323 5.84 -13.14 -27.92
CA LEU B 1323 7.28 -13.26 -28.09
C LEU B 1323 7.90 -14.19 -27.06
N GLN B 1324 8.98 -14.86 -27.47
CA GLN B 1324 9.88 -15.50 -26.54
C GLN B 1324 10.72 -14.44 -25.83
N PRO B 1325 11.29 -14.75 -24.66
CA PRO B 1325 12.00 -13.74 -23.89
C PRO B 1325 13.16 -13.13 -24.68
N ILE B 1326 13.37 -11.83 -24.48
CA ILE B 1326 14.47 -11.10 -25.09
C ILE B 1326 15.49 -10.82 -24.01
N TYR B 1327 16.74 -11.19 -24.27
CA TYR B 1327 17.83 -11.11 -23.32
C TYR B 1327 18.88 -10.13 -23.80
N LEU B 1328 19.73 -9.69 -22.88
CA LEU B 1328 20.75 -8.71 -23.20
C LEU B 1328 22.05 -9.45 -23.52
N LYS B 1329 23.00 -8.71 -24.07
CA LYS B 1329 24.30 -9.27 -24.41
C LYS B 1329 25.46 -8.55 -23.75
N SER B 1330 25.35 -7.26 -23.49
CA SER B 1330 26.45 -6.55 -22.86
C SER B 1330 25.92 -5.39 -22.03
N VAL B 1331 26.68 -5.04 -21.00
CA VAL B 1331 26.40 -3.89 -20.14
C VAL B 1331 27.67 -3.07 -20.07
N THR B 1332 27.58 -1.80 -20.45
CA THR B 1332 28.72 -0.89 -20.44
C THR B 1332 28.46 0.22 -19.44
N LEU B 1333 29.39 0.40 -18.51
CA LEU B 1333 29.27 1.40 -17.45
C LEU B 1333 30.29 2.52 -17.65
N GLY B 1334 29.89 3.73 -17.30
CA GLY B 1334 30.73 4.91 -17.46
C GLY B 1334 31.40 5.37 -16.19
N TYR B 1335 31.10 4.74 -15.06
CA TYR B 1335 31.75 5.07 -13.80
C TYR B 1335 31.46 3.96 -12.81
N LEU B 1336 32.29 3.88 -11.77
CA LEU B 1336 32.11 2.94 -10.66
C LEU B 1336 31.99 1.49 -11.13
N PHE B 1337 32.87 1.09 -12.04
CA PHE B 1337 32.86 -0.27 -12.52
C PHE B 1337 33.78 -1.15 -11.69
N SER B 1338 33.27 -2.30 -11.24
CA SER B 1338 34.07 -3.35 -10.63
C SER B 1338 33.53 -4.69 -11.09
N GLN B 1339 34.37 -5.47 -11.77
CA GLN B 1339 33.92 -6.72 -12.37
C GLN B 1339 33.35 -7.68 -11.34
N GLY B 1340 34.11 -7.94 -10.27
CA GLY B 1340 33.67 -8.89 -9.26
C GLY B 1340 32.41 -8.47 -8.54
N HIS B 1341 32.09 -7.18 -8.54
CA HIS B 1341 30.87 -6.72 -7.91
C HIS B 1341 29.70 -6.71 -8.89
N LEU B 1342 29.91 -6.11 -10.06
CA LEU B 1342 28.83 -6.00 -11.04
C LEU B 1342 28.37 -7.36 -11.56
N THR B 1343 29.31 -8.28 -11.79
CA THR B 1343 28.91 -9.60 -12.30
C THR B 1343 27.98 -10.29 -11.31
N ARG B 1344 28.33 -10.26 -10.02
CA ARG B 1344 27.43 -10.82 -9.01
C ARG B 1344 26.14 -10.03 -8.92
N ALA B 1345 26.20 -8.71 -9.12
CA ALA B 1345 25.00 -7.90 -8.98
C ALA B 1345 23.96 -8.25 -10.04
N ILE B 1346 24.39 -8.45 -11.28
CA ILE B 1346 23.44 -8.60 -12.38
C ILE B 1346 23.07 -10.06 -12.62
N CYS B 1347 24.04 -10.98 -12.70
CA CYS B 1347 23.65 -12.33 -13.08
C CYS B 1347 24.28 -13.46 -12.27
N CYS B 1348 25.42 -13.28 -11.62
CA CYS B 1348 26.08 -14.43 -10.99
C CYS B 1348 25.57 -14.76 -9.60
N ARG B 1349 24.86 -13.86 -8.94
CA ARG B 1349 24.42 -14.12 -7.56
C ARG B 1349 23.39 -15.23 -7.46
N VAL B 1350 22.73 -15.59 -8.56
CA VAL B 1350 21.80 -16.71 -8.56
C VAL B 1350 22.48 -18.04 -8.83
N THR B 1351 23.79 -18.04 -9.08
CA THR B 1351 24.54 -19.25 -9.37
C THR B 1351 25.61 -19.53 -8.33
N ARG B 1352 25.55 -18.86 -7.19
CA ARG B 1352 26.58 -19.02 -6.16
C ARG B 1352 26.58 -20.43 -5.59
N ASP B 1353 25.40 -21.00 -5.34
CA ASP B 1353 25.28 -22.28 -4.65
C ASP B 1353 25.09 -23.43 -5.62
N GLY B 1354 25.70 -23.36 -6.79
CA GLY B 1354 25.63 -24.43 -7.76
C GLY B 1354 24.76 -24.03 -8.95
N SER B 1355 24.57 -25.00 -9.83
CA SER B 1355 23.74 -24.83 -11.01
C SER B 1355 22.35 -25.43 -10.85
N ALA B 1356 21.97 -25.81 -9.63
CA ALA B 1356 20.65 -26.38 -9.39
C ALA B 1356 19.53 -25.39 -9.66
N PHE B 1357 19.80 -24.09 -9.64
CA PHE B 1357 18.77 -23.13 -9.97
C PHE B 1357 18.51 -23.10 -11.46
N GLU B 1358 19.54 -23.35 -12.28
CA GLU B 1358 19.37 -23.27 -13.73
C GLU B 1358 18.46 -24.36 -14.26
N ASP B 1359 18.65 -25.60 -13.79
CA ASP B 1359 17.83 -26.70 -14.27
C ASP B 1359 16.39 -26.60 -13.80
N GLY B 1360 16.13 -25.91 -12.70
CA GLY B 1360 14.76 -25.69 -12.26
C GLY B 1360 13.98 -24.81 -13.21
N LEU B 1361 14.63 -23.78 -13.75
CA LEU B 1361 13.99 -22.90 -14.71
C LEU B 1361 13.71 -23.64 -16.01
N ARG B 1362 12.67 -23.21 -16.71
CA ARG B 1362 12.14 -23.90 -17.88
C ARG B 1362 12.35 -23.06 -19.13
N HIS B 1363 12.92 -23.67 -20.16
CA HIS B 1363 13.07 -23.02 -21.44
C HIS B 1363 11.69 -22.58 -21.95
N PRO B 1364 11.59 -21.39 -22.55
CA PRO B 1364 12.63 -20.47 -23.02
C PRO B 1364 13.24 -19.56 -21.95
N PHE B 1365 12.88 -19.71 -20.69
CA PHE B 1365 13.46 -18.91 -19.61
C PHE B 1365 14.74 -19.55 -19.15
N ILE B 1366 15.85 -18.79 -19.23
CA ILE B 1366 17.18 -19.24 -18.87
C ILE B 1366 17.95 -18.05 -18.36
N VAL B 1367 18.99 -18.31 -17.56
CA VAL B 1367 19.81 -17.23 -17.05
C VAL B 1367 20.61 -16.62 -18.19
N ASN B 1368 20.97 -15.35 -18.05
CA ASN B 1368 21.74 -14.64 -19.05
C ASN B 1368 22.99 -14.07 -18.41
N HIS B 1369 24.14 -14.28 -19.05
CA HIS B 1369 25.41 -13.77 -18.57
C HIS B 1369 25.97 -12.76 -19.57
N PRO B 1370 25.47 -11.52 -19.57
CA PRO B 1370 25.97 -10.53 -20.53
C PRO B 1370 27.41 -10.16 -20.27
N LYS B 1371 28.11 -9.78 -21.34
CA LYS B 1371 29.48 -9.34 -21.24
C LYS B 1371 29.53 -7.98 -20.53
N VAL B 1372 30.27 -7.90 -19.45
CA VAL B 1372 30.39 -6.68 -18.66
C VAL B 1372 31.60 -5.89 -19.16
N GLY B 1373 31.46 -4.57 -19.22
CA GLY B 1373 32.53 -3.74 -19.72
C GLY B 1373 32.50 -2.35 -19.13
N ARG B 1374 33.63 -1.67 -19.25
CA ARG B 1374 33.81 -0.33 -18.70
C ARG B 1374 34.39 0.58 -19.78
N VAL B 1375 33.93 1.83 -19.79
CA VAL B 1375 34.45 2.80 -20.74
C VAL B 1375 35.94 3.00 -20.48
N SER B 1376 36.68 3.37 -21.54
CA SER B 1376 38.13 3.45 -21.47
C SER B 1376 38.59 4.36 -20.33
N ILE B 1377 38.08 5.58 -20.29
CA ILE B 1377 38.35 6.50 -19.18
C ILE B 1377 37.04 7.15 -18.75
N TYR B 1378 36.84 7.23 -17.44
CA TYR B 1378 35.69 7.94 -16.91
C TYR B 1378 35.86 9.45 -17.06
N ASP B 1379 34.73 10.15 -17.18
CA ASP B 1379 34.71 11.60 -17.09
C ASP B 1379 34.80 12.00 -15.62
N SER B 1380 35.94 12.58 -15.23
CA SER B 1380 36.22 12.84 -13.83
C SER B 1380 35.25 13.84 -13.20
N LYS B 1381 34.55 14.64 -14.01
CA LYS B 1381 33.62 15.62 -13.47
C LYS B 1381 32.33 14.91 -13.08
N ARG B 1382 32.29 14.39 -11.85
CA ARG B 1382 31.09 13.77 -11.29
C ARG B 1382 30.75 14.47 -9.98
N GLN B 1383 30.03 15.59 -10.06
CA GLN B 1383 29.62 16.29 -8.85
C GLN B 1383 28.59 15.47 -8.09
N SER B 1384 28.67 15.50 -6.77
CA SER B 1384 27.78 14.67 -5.95
C SER B 1384 26.44 15.36 -5.70
N GLY B 1385 26.46 16.64 -5.35
CA GLY B 1385 25.25 17.37 -5.05
C GLY B 1385 24.54 17.90 -6.29
N LYS B 1386 23.46 18.64 -6.10
CA LYS B 1386 22.77 19.20 -7.22
C LYS B 1386 22.26 18.16 -8.16
N THR B 1387 21.41 17.26 -7.69
CA THR B 1387 20.81 16.26 -8.57
C THR B 1387 19.32 16.58 -8.68
N LYS B 1388 18.92 17.22 -9.79
CA LYS B 1388 17.53 17.58 -9.98
C LYS B 1388 16.69 16.33 -10.25
N GLU B 1389 15.37 16.54 -10.41
CA GLU B 1389 14.44 15.44 -10.49
C GLU B 1389 13.87 15.18 -11.88
N THR B 1390 14.13 16.04 -12.85
CA THR B 1390 13.56 15.87 -14.18
C THR B 1390 14.05 14.58 -14.82
N SER B 1391 13.17 13.96 -15.60
CA SER B 1391 13.47 12.71 -16.28
C SER B 1391 13.08 12.82 -17.75
N VAL B 1392 13.84 12.17 -18.61
CA VAL B 1392 13.65 12.22 -20.07
C VAL B 1392 13.48 10.81 -20.62
N ASN B 1393 12.54 10.66 -21.56
CA ASN B 1393 12.28 9.39 -22.22
C ASN B 1393 12.26 9.61 -23.72
N TRP B 1394 12.74 8.62 -24.47
CA TRP B 1394 12.73 8.67 -25.92
C TRP B 1394 12.76 7.25 -26.47
N CYS B 1395 11.91 6.99 -27.45
CA CYS B 1395 11.92 5.71 -28.15
C CYS B 1395 12.18 5.91 -29.64
N LEU B 1396 12.52 4.82 -30.32
CA LEU B 1396 12.87 4.90 -31.73
C LEU B 1396 11.67 5.34 -32.58
N ALA B 1397 10.49 4.79 -32.29
CA ALA B 1397 9.31 5.13 -33.08
C ALA B 1397 8.92 6.59 -32.91
N ASP B 1398 9.29 7.20 -31.79
CA ASP B 1398 8.92 8.57 -31.49
C ASP B 1398 9.61 9.56 -32.41
N GLY B 1399 10.70 9.18 -33.05
CA GLY B 1399 11.45 10.09 -33.88
C GLY B 1399 12.23 11.12 -33.08
N TYR B 1400 11.81 12.38 -33.15
CA TYR B 1400 12.47 13.45 -32.40
C TYR B 1400 11.68 13.88 -31.16
N ASP B 1401 10.71 13.10 -30.73
CA ASP B 1401 9.85 13.49 -29.60
C ASP B 1401 10.38 12.87 -28.31
N LEU B 1402 10.67 13.73 -27.33
CA LEU B 1402 11.15 13.31 -26.02
C LEU B 1402 10.11 13.69 -24.97
N GLU B 1403 9.88 12.77 -24.03
CA GLU B 1403 8.96 12.98 -22.91
C GLU B 1403 9.75 13.36 -21.67
N ILE B 1404 9.42 14.51 -21.08
CA ILE B 1404 10.10 15.00 -19.89
C ILE B 1404 9.14 14.85 -18.72
N LEU B 1405 9.57 14.10 -17.69
CA LEU B 1405 8.75 13.81 -16.53
C LEU B 1405 9.38 14.40 -15.27
N ASP B 1406 8.54 14.76 -14.32
CA ASP B 1406 8.97 15.12 -12.97
C ASP B 1406 9.02 13.84 -12.16
N GLY B 1407 10.23 13.37 -11.84
CA GLY B 1407 10.42 12.07 -11.23
C GLY B 1407 9.80 11.93 -9.85
N THR B 1408 9.57 13.03 -9.15
CA THR B 1408 9.00 12.94 -7.81
C THR B 1408 7.54 12.51 -7.83
N ARG B 1409 6.77 13.01 -8.79
CA ARG B 1409 5.35 12.69 -8.88
C ARG B 1409 5.03 11.56 -9.86
N GLY B 1410 5.95 11.25 -10.78
CA GLY B 1410 5.69 10.24 -11.78
C GLY B 1410 4.79 10.62 -12.92
N THR B 1411 4.60 11.91 -13.17
CA THR B 1411 3.74 12.37 -14.26
C THR B 1411 4.54 13.27 -15.18
N VAL B 1412 3.90 13.72 -16.26
CA VAL B 1412 4.55 14.60 -17.21
C VAL B 1412 4.78 15.96 -16.57
N ASP B 1413 6.01 16.45 -16.64
CA ASP B 1413 6.39 17.70 -15.98
C ASP B 1413 5.65 18.85 -16.64
N GLY B 1414 4.65 19.39 -15.95
CA GLY B 1414 3.88 20.49 -16.44
C GLY B 1414 2.68 20.77 -15.55
N PRO B 1415 2.07 21.94 -15.72
CA PRO B 1415 0.89 22.27 -14.90
C PRO B 1415 -0.28 21.30 -15.11
N ARG B 1416 -0.47 20.79 -16.32
CA ARG B 1416 -1.57 19.88 -16.60
C ARG B 1416 -1.29 18.45 -16.15
N ASN B 1417 -0.05 18.13 -15.79
CA ASN B 1417 0.37 16.80 -15.33
C ASN B 1417 -0.33 15.68 -16.09
N GLU B 1418 -0.31 15.78 -17.42
CA GLU B 1418 -0.97 14.81 -18.27
C GLU B 1418 -0.32 13.43 -18.15
N LEU B 1419 -0.90 12.46 -18.85
CA LEU B 1419 -0.43 11.08 -18.76
C LEU B 1419 0.94 10.92 -19.40
N SER B 1420 1.73 10.02 -18.83
CA SER B 1420 3.05 9.68 -19.35
C SER B 1420 2.92 8.52 -20.31
N ARG B 1421 3.62 8.60 -21.43
CA ARG B 1421 3.54 7.57 -22.46
C ARG B 1421 4.21 6.26 -22.04
N VAL B 1422 4.93 6.25 -20.91
CA VAL B 1422 5.50 5.03 -20.38
C VAL B 1422 4.72 4.49 -19.18
N SER B 1423 3.57 5.10 -18.88
CA SER B 1423 2.76 4.64 -17.77
C SER B 1423 2.10 3.30 -18.10
N LYS B 1424 1.61 2.62 -17.07
CA LYS B 1424 0.99 1.31 -17.26
C LYS B 1424 -0.25 1.41 -18.13
N LYS B 1425 -0.99 2.53 -18.04
CA LYS B 1425 -2.20 2.69 -18.84
C LYS B 1425 -1.90 2.73 -20.33
N ASN B 1426 -0.87 3.47 -20.74
CA ASN B 1426 -0.56 3.53 -22.18
C ASN B 1426 -0.03 2.20 -22.68
N ILE B 1427 0.75 1.50 -21.86
CA ILE B 1427 1.19 0.16 -22.23
C ILE B 1427 0.00 -0.78 -22.41
N PHE B 1428 -0.98 -0.69 -21.50
CA PHE B 1428 -2.18 -1.49 -21.66
C PHE B 1428 -2.94 -1.13 -22.93
N LEU B 1429 -2.99 0.16 -23.26
CA LEU B 1429 -3.64 0.58 -24.50
C LEU B 1429 -2.94 -0.04 -25.71
N LEU B 1430 -1.61 -0.02 -25.72
CA LEU B 1430 -0.86 -0.64 -26.80
C LEU B 1430 -1.11 -2.14 -26.86
N PHE B 1431 -1.23 -2.78 -25.69
CA PHE B 1431 -1.54 -4.21 -25.66
C PHE B 1431 -2.92 -4.49 -26.25
N LYS B 1432 -3.91 -3.68 -25.92
CA LYS B 1432 -5.23 -3.86 -26.51
C LYS B 1432 -5.21 -3.69 -28.02
N LYS B 1433 -4.48 -2.67 -28.49
CA LYS B 1433 -4.38 -2.44 -29.93
C LYS B 1433 -3.73 -3.62 -30.64
N LEU B 1434 -2.65 -4.15 -30.06
CA LEU B 1434 -1.96 -5.28 -30.67
C LEU B 1434 -2.79 -6.56 -30.60
N CYS B 1435 -3.54 -6.76 -29.51
CA CYS B 1435 -4.40 -7.93 -29.42
C CYS B 1435 -5.52 -7.87 -30.45
N SER B 1436 -6.08 -6.69 -30.69
CA SER B 1436 -7.06 -6.53 -31.76
C SER B 1436 -6.43 -6.79 -33.12
N PHE B 1437 -5.21 -6.30 -33.33
CA PHE B 1437 -4.54 -6.49 -34.62
C PHE B 1437 -4.21 -7.95 -34.89
N ARG B 1438 -3.89 -8.72 -33.86
CA ARG B 1438 -3.49 -10.12 -34.02
C ARG B 1438 -4.64 -11.09 -33.87
N TYR B 1439 -5.88 -10.60 -33.85
CA TYR B 1439 -7.08 -11.45 -33.75
C TYR B 1439 -7.05 -12.30 -32.48
N ARG B 1440 -6.56 -11.70 -31.39
CA ARG B 1440 -6.56 -12.34 -30.06
C ARG B 1440 -7.75 -11.80 -29.28
N ARG B 1441 -8.94 -12.34 -29.60
CA ARG B 1441 -10.15 -11.83 -28.99
C ARG B 1441 -10.27 -12.20 -27.52
N ASP B 1442 -9.75 -13.36 -27.13
CA ASP B 1442 -9.90 -13.81 -25.74
C ASP B 1442 -9.17 -12.88 -24.78
N LEU B 1443 -7.96 -12.43 -25.13
CA LEU B 1443 -7.21 -11.52 -24.27
C LEU B 1443 -7.81 -10.12 -24.23
N LEU B 1444 -8.61 -9.76 -25.24
CA LEU B 1444 -9.18 -8.42 -25.30
C LEU B 1444 -10.20 -8.13 -24.20
N ARG B 1445 -10.65 -9.16 -23.47
CA ARG B 1445 -11.68 -9.00 -22.46
C ARG B 1445 -11.16 -9.19 -21.04
N LEU B 1446 -9.85 -9.03 -20.82
CA LEU B 1446 -9.24 -9.22 -19.52
C LEU B 1446 -8.70 -7.92 -18.96
N SER B 1447 -8.58 -7.88 -17.64
CA SER B 1447 -7.99 -6.75 -16.94
C SER B 1447 -6.47 -6.86 -16.95
N TYR B 1448 -5.81 -5.78 -16.52
CA TYR B 1448 -4.35 -5.74 -16.54
C TYR B 1448 -3.75 -6.86 -15.71
N GLY B 1449 -4.21 -7.01 -14.48
CA GLY B 1449 -3.70 -8.07 -13.62
C GLY B 1449 -3.98 -9.44 -14.17
N GLU B 1450 -5.20 -9.65 -14.67
CA GLU B 1450 -5.55 -10.96 -15.24
C GLU B 1450 -4.79 -11.22 -16.53
N ALA B 1451 -4.58 -10.17 -17.35
CA ALA B 1451 -3.81 -10.33 -18.57
C ALA B 1451 -2.37 -10.74 -18.27
N LYS B 1452 -1.76 -10.11 -17.26
CA LYS B 1452 -0.42 -10.53 -16.84
C LYS B 1452 -0.46 -11.95 -16.28
N LYS B 1453 -1.51 -12.30 -15.55
CA LYS B 1453 -1.63 -13.66 -15.03
C LYS B 1453 -2.05 -14.67 -16.08
N ALA B 1454 -2.48 -14.22 -17.27
CA ALA B 1454 -2.85 -15.14 -18.32
C ALA B 1454 -1.66 -15.95 -18.81
N ALA B 1455 -0.50 -15.32 -18.90
CA ALA B 1455 0.73 -15.99 -19.34
C ALA B 1455 1.20 -16.91 -18.22
N ARG B 1456 0.85 -18.19 -18.33
CA ARG B 1456 1.21 -19.15 -17.29
C ARG B 1456 2.72 -19.30 -17.18
N ASP B 1457 3.42 -19.35 -18.32
CA ASP B 1457 4.85 -19.64 -18.30
C ASP B 1457 5.64 -18.53 -17.61
N TYR B 1458 5.36 -17.28 -17.97
CA TYR B 1458 6.09 -16.17 -17.35
C TYR B 1458 5.79 -16.09 -15.87
N GLU B 1459 4.53 -16.26 -15.47
CA GLU B 1459 4.19 -16.20 -14.06
C GLU B 1459 4.87 -17.32 -13.29
N THR B 1460 4.90 -18.53 -13.85
CA THR B 1460 5.57 -19.62 -13.17
C THR B 1460 7.06 -19.34 -13.04
N ALA B 1461 7.69 -18.83 -14.09
CA ALA B 1461 9.11 -18.53 -14.01
C ALA B 1461 9.40 -17.43 -13.00
N LYS B 1462 8.57 -16.38 -12.98
CA LYS B 1462 8.76 -15.30 -12.03
C LYS B 1462 8.60 -15.77 -10.59
N ASN B 1463 7.57 -16.56 -10.32
CA ASN B 1463 7.37 -17.08 -8.98
C ASN B 1463 8.51 -17.99 -8.57
N TYR B 1464 8.98 -18.85 -9.47
CA TYR B 1464 10.10 -19.72 -9.15
C TYR B 1464 11.36 -18.91 -8.90
N PHE B 1465 11.60 -17.87 -9.68
CA PHE B 1465 12.80 -17.05 -9.49
C PHE B 1465 12.76 -16.33 -8.14
N LYS B 1466 11.60 -15.80 -7.76
CA LYS B 1466 11.48 -15.17 -6.45
C LYS B 1466 11.67 -16.18 -5.32
N LYS B 1467 11.10 -17.38 -5.48
CA LYS B 1467 11.27 -18.42 -4.47
C LYS B 1467 12.72 -18.83 -4.34
N GLY B 1468 13.42 -18.95 -5.47
CA GLY B 1468 14.83 -19.28 -5.43
C GLY B 1468 15.67 -18.20 -4.77
N LEU B 1469 15.34 -16.93 -5.04
CA LEU B 1469 16.03 -15.85 -4.37
C LEU B 1469 15.81 -15.90 -2.86
N LYS B 1470 14.58 -16.15 -2.42
CA LYS B 1470 14.30 -16.17 -0.98
C LYS B 1470 14.94 -17.38 -0.30
N ASP B 1471 14.81 -18.57 -0.91
CA ASP B 1471 15.28 -19.79 -0.25
C ASP B 1471 16.79 -19.79 -0.09
N MET B 1472 17.51 -19.31 -1.09
CA MET B 1472 18.97 -19.38 -1.04
C MET B 1472 19.56 -18.35 -0.08
N GLY B 1473 18.83 -17.28 0.24
CA GLY B 1473 19.20 -16.48 1.39
C GLY B 1473 19.49 -15.01 1.19
N TYR B 1474 18.78 -14.37 0.26
CA TYR B 1474 19.03 -12.95 -0.03
C TYR B 1474 17.83 -12.08 0.28
N GLY B 1475 16.80 -12.61 0.93
CA GLY B 1475 15.67 -11.81 1.36
C GLY B 1475 14.39 -12.15 0.63
N ASN B 1476 13.49 -11.17 0.59
CA ASN B 1476 12.21 -11.31 -0.09
C ASN B 1476 11.94 -10.10 -0.96
N TRP B 1477 11.41 -10.35 -2.15
CA TRP B 1477 11.09 -9.28 -3.09
C TRP B 1477 9.94 -8.45 -2.54
N ILE B 1478 10.02 -7.14 -2.73
CA ILE B 1478 9.01 -6.21 -2.24
C ILE B 1478 8.10 -5.82 -3.40
N SER B 1479 6.80 -6.12 -3.26
CA SER B 1479 5.81 -5.88 -4.30
C SER B 1479 4.87 -4.75 -3.91
N LYS B 1480 4.38 -4.03 -4.91
CA LYS B 1480 3.42 -2.96 -4.69
C LYS B 1480 2.10 -3.53 -4.20
N PRO B 1481 1.27 -2.71 -3.56
CA PRO B 1481 -0.03 -3.19 -3.07
C PRO B 1481 -0.88 -3.73 -4.22
N GLN B 1482 -1.61 -4.81 -3.93
CA GLN B 1482 -2.40 -5.46 -4.98
C GLN B 1482 -3.41 -4.50 -5.59
N GLU B 1483 -3.88 -3.52 -4.81
CA GLU B 1483 -4.78 -2.51 -5.35
C GLU B 1483 -4.09 -1.61 -6.37
N GLU B 1484 -2.76 -1.59 -6.41
CA GLU B 1484 -2.04 -0.74 -7.34
C GLU B 1484 -1.58 -1.46 -8.61
N LYS B 1485 -1.24 -2.75 -8.52
CA LYS B 1485 -0.86 -3.48 -9.72
C LYS B 1485 -2.07 -3.80 -10.59
N ASN B 1486 -3.15 -4.25 -9.98
CA ASN B 1486 -4.37 -4.63 -10.70
C ASN B 1486 -5.32 -3.44 -10.63
N PHE B 1487 -5.29 -2.62 -11.68
CA PHE B 1487 -6.01 -1.35 -11.64
C PHE B 1487 -7.29 -1.45 -12.45
N TYR B 1488 -7.96 -0.31 -12.63
CA TYR B 1488 -9.29 -0.26 -13.21
C TYR B 1488 -9.27 0.42 -14.57
N LEU B 1489 -9.75 -0.28 -15.58
CA LEU B 1489 -9.92 0.27 -16.92
C LEU B 1489 -11.28 -0.15 -17.47
N PHE C 1106 -16.95 24.43 12.78
CA PHE C 1106 -17.46 23.56 13.83
C PHE C 1106 -16.47 22.45 14.19
N HIS C 1107 -15.90 21.81 13.18
CA HIS C 1107 -14.97 20.72 13.44
C HIS C 1107 -13.64 21.23 13.98
N ASP C 1108 -13.31 22.50 13.74
CA ASP C 1108 -12.07 23.05 14.27
C ASP C 1108 -12.11 23.07 15.79
N GLN C 1109 -13.24 23.42 16.38
CA GLN C 1109 -13.38 23.38 17.83
C GLN C 1109 -13.23 21.97 18.36
N ILE C 1110 -13.79 20.98 17.67
CA ILE C 1110 -13.65 19.59 18.11
C ILE C 1110 -12.19 19.18 18.10
N ALA C 1111 -11.48 19.49 17.01
CA ALA C 1111 -10.07 19.12 16.90
C ALA C 1111 -9.24 19.79 17.97
N MET C 1112 -9.46 21.10 18.18
CA MET C 1112 -8.67 21.83 19.16
C MET C 1112 -8.97 21.36 20.57
N LEU C 1113 -10.22 21.00 20.85
CA LEU C 1113 -10.56 20.47 22.17
C LEU C 1113 -9.84 19.15 22.42
N SER C 1114 -9.86 18.24 21.44
CA SER C 1114 -9.18 16.97 21.61
C SER C 1114 -7.68 17.16 21.79
N HIS C 1115 -7.07 18.03 20.98
CA HIS C 1115 -5.63 18.25 21.07
C HIS C 1115 -5.26 18.86 22.42
N ARG C 1116 -6.04 19.84 22.88
CA ARG C 1116 -5.76 20.46 24.18
C ARG C 1116 -5.90 19.45 25.30
N CYS C 1117 -6.93 18.61 25.26
CA CYS C 1117 -7.10 17.61 26.31
C CYS C 1117 -5.93 16.63 26.33
N PHE C 1118 -5.50 16.15 25.16
CA PHE C 1118 -4.38 15.22 25.13
C PHE C 1118 -3.10 15.89 25.64
N ASN C 1119 -2.82 17.11 25.21
CA ASN C 1119 -1.61 17.80 25.64
C ASN C 1119 -1.62 18.03 27.14
N THR C 1120 -2.77 18.45 27.69
CA THR C 1120 -2.87 18.66 29.12
C THR C 1120 -2.67 17.36 29.89
N LEU C 1121 -3.27 16.26 29.42
CA LEU C 1121 -3.13 15.00 30.14
C LEU C 1121 -1.73 14.42 30.02
N THR C 1122 -1.00 14.71 28.95
CA THR C 1122 0.33 14.14 28.75
C THR C 1122 1.44 15.09 29.14
N ASN C 1123 1.12 16.25 29.72
CA ASN C 1123 2.15 17.21 30.10
C ASN C 1123 3.03 16.65 31.21
N SER C 1124 2.43 15.94 32.16
CA SER C 1124 3.16 15.38 33.28
C SER C 1124 4.19 14.35 32.83
N LYS C 1133 1.20 12.56 15.99
CA LYS C 1133 0.52 11.53 16.75
C LYS C 1133 -0.78 11.11 16.06
N ILE C 1134 -1.18 9.86 16.26
CA ILE C 1134 -2.46 9.35 15.79
C ILE C 1134 -3.37 9.26 17.01
N LEU C 1135 -4.35 10.15 17.08
CA LEU C 1135 -5.16 10.35 18.27
C LEU C 1135 -6.63 10.46 17.91
N ALA C 1136 -7.47 9.65 18.54
CA ALA C 1136 -8.90 9.75 18.37
C ALA C 1136 -9.58 10.09 19.69
N ALA C 1137 -10.74 10.74 19.60
CA ALA C 1137 -11.47 11.18 20.79
C ALA C 1137 -12.96 11.17 20.50
N ILE C 1138 -13.77 11.04 21.54
CA ILE C 1138 -15.21 11.19 21.47
C ILE C 1138 -15.62 12.34 22.38
N ILE C 1139 -16.41 13.26 21.85
CA ILE C 1139 -16.71 14.53 22.50
C ILE C 1139 -18.22 14.67 22.66
N MET C 1140 -18.66 14.99 23.88
CA MET C 1140 -20.07 15.10 24.22
C MET C 1140 -20.40 16.57 24.40
N LYS C 1141 -21.36 17.08 23.63
CA LYS C 1141 -21.72 18.48 23.68
C LYS C 1141 -23.13 18.59 24.26
N LYS C 1142 -23.23 19.13 25.48
CA LYS C 1142 -24.51 19.17 26.19
C LYS C 1142 -25.55 19.99 25.43
N ASP C 1143 -25.15 21.13 24.88
CA ASP C 1143 -26.04 22.00 24.14
C ASP C 1143 -25.24 22.75 23.09
N SER C 1144 -25.95 23.38 22.16
CA SER C 1144 -25.28 24.08 21.06
C SER C 1144 -24.38 25.20 21.57
N GLU C 1145 -24.85 25.97 22.55
CA GLU C 1145 -24.03 27.03 23.11
C GLU C 1145 -22.84 26.49 23.88
N ASP C 1146 -22.99 25.34 24.53
CA ASP C 1146 -21.88 24.72 25.24
C ASP C 1146 -20.76 24.32 24.28
N MET C 1147 -19.53 24.60 24.70
CA MET C 1147 -18.37 24.30 23.85
C MET C 1147 -18.21 22.79 23.66
N GLY C 1148 -18.44 22.01 24.69
CA GLY C 1148 -18.25 20.58 24.66
C GLY C 1148 -17.03 20.15 25.44
N VAL C 1149 -17.01 18.88 25.83
CA VAL C 1149 -15.94 18.31 26.63
C VAL C 1149 -15.53 16.97 26.04
N VAL C 1150 -14.22 16.76 25.90
CA VAL C 1150 -13.71 15.46 25.49
C VAL C 1150 -14.00 14.45 26.58
N VAL C 1151 -14.62 13.34 26.20
CA VAL C 1151 -15.09 12.34 27.14
C VAL C 1151 -14.30 11.05 27.05
N SER C 1152 -13.87 10.67 25.84
CA SER C 1152 -13.04 9.49 25.64
C SER C 1152 -11.87 9.89 24.75
N LEU C 1153 -10.69 9.32 25.03
CA LEU C 1153 -9.49 9.65 24.31
C LEU C 1153 -8.68 8.39 24.09
N GLY C 1154 -8.11 8.25 22.90
CA GLY C 1154 -7.27 7.11 22.60
C GLY C 1154 -6.23 7.39 21.55
N THR C 1155 -5.15 6.62 21.60
CA THR C 1155 -4.08 6.68 20.62
C THR C 1155 -3.61 5.26 20.31
N GLY C 1156 -2.93 5.12 19.18
CA GLY C 1156 -2.34 3.86 18.79
C GLY C 1156 -2.54 3.62 17.31
N ASN C 1157 -1.77 2.67 16.77
CA ASN C 1157 -1.91 2.30 15.36
C ASN C 1157 -1.75 0.80 15.13
N ARG C 1158 -1.61 -0.01 16.17
CA ARG C 1158 -1.22 -1.39 16.05
C ARG C 1158 -2.40 -2.30 16.36
N CYS C 1159 -2.27 -3.56 15.96
CA CYS C 1159 -3.24 -4.60 16.26
C CYS C 1159 -2.49 -5.85 16.67
N VAL C 1160 -3.07 -6.61 17.60
CA VAL C 1160 -2.42 -7.80 18.12
C VAL C 1160 -2.40 -8.86 17.02
N LYS C 1161 -1.59 -9.90 17.20
CA LYS C 1161 -1.51 -11.01 16.27
C LYS C 1161 -2.16 -12.24 16.88
N GLY C 1162 -2.07 -13.35 16.16
CA GLY C 1162 -2.69 -14.58 16.64
C GLY C 1162 -2.06 -15.09 17.92
N ASP C 1163 -0.75 -14.91 18.09
CA ASP C 1163 -0.09 -15.39 19.30
C ASP C 1163 -0.51 -14.62 20.54
N SER C 1164 -0.98 -13.38 20.38
CA SER C 1164 -1.42 -12.58 21.51
C SER C 1164 -2.90 -12.69 21.78
N LEU C 1165 -3.62 -13.51 21.01
CA LEU C 1165 -5.05 -13.71 21.23
C LEU C 1165 -5.25 -14.51 22.51
N SER C 1166 -6.16 -14.05 23.36
CA SER C 1166 -6.42 -14.70 24.64
C SER C 1166 -7.84 -15.23 24.64
N LEU C 1167 -7.98 -16.50 25.02
CA LEU C 1167 -9.30 -17.12 25.12
C LEU C 1167 -10.12 -16.56 26.27
N LYS C 1168 -9.47 -16.19 27.38
CA LYS C 1168 -10.17 -15.64 28.53
C LYS C 1168 -10.39 -14.14 28.43
N GLY C 1169 -9.96 -13.52 27.34
CA GLY C 1169 -10.15 -12.09 27.11
C GLY C 1169 -9.47 -11.07 28.00
N GLU C 1170 -8.20 -11.26 28.33
CA GLU C 1170 -7.47 -10.26 29.10
C GLU C 1170 -6.68 -9.30 28.20
N THR C 1171 -6.77 -9.44 26.89
CA THR C 1171 -6.06 -8.58 25.95
C THR C 1171 -7.03 -7.88 25.02
N VAL C 1172 -6.76 -6.61 24.74
CA VAL C 1172 -7.57 -5.87 23.78
C VAL C 1172 -7.11 -6.26 22.38
N ASN C 1173 -8.01 -6.82 21.59
CA ASN C 1173 -7.68 -7.32 20.25
C ASN C 1173 -7.66 -6.24 19.18
N ASP C 1174 -7.66 -4.95 19.54
CA ASP C 1174 -7.50 -3.91 18.54
C ASP C 1174 -7.12 -2.62 19.24
N CYS C 1175 -5.83 -2.28 19.22
CA CYS C 1175 -5.32 -1.08 19.85
C CYS C 1175 -5.36 0.15 18.94
N HIS C 1176 -6.15 0.13 17.87
CA HIS C 1176 -6.29 1.31 17.03
C HIS C 1176 -6.95 2.45 17.80
N ALA C 1177 -6.81 3.66 17.27
CA ALA C 1177 -7.26 4.84 18.01
C ALA C 1177 -8.78 4.88 18.17
N GLU C 1178 -9.52 4.67 17.07
CA GLU C 1178 -10.98 4.78 17.13
C GLU C 1178 -11.58 3.70 18.03
N ILE C 1179 -11.08 2.47 17.90
CA ILE C 1179 -11.63 1.37 18.68
C ILE C 1179 -11.42 1.62 20.18
N ILE C 1180 -10.21 2.05 20.54
CA ILE C 1180 -9.90 2.25 21.94
C ILE C 1180 -10.65 3.46 22.50
N SER C 1181 -10.90 4.48 21.67
CA SER C 1181 -11.74 5.58 22.13
C SER C 1181 -13.17 5.11 22.38
N ARG C 1182 -13.69 4.22 21.53
CA ARG C 1182 -15.01 3.66 21.79
C ARG C 1182 -15.05 2.87 23.09
N ARG C 1183 -13.99 2.16 23.38
CA ARG C 1183 -13.95 1.32 24.55
C ARG C 1183 -13.79 2.18 25.80
N GLY C 1184 -13.16 3.34 25.74
CA GLY C 1184 -13.17 4.33 26.82
C GLY C 1184 -14.53 4.98 26.99
N PHE C 1185 -15.20 5.28 25.89
CA PHE C 1185 -16.54 5.86 25.97
C PHE C 1185 -17.52 4.89 26.62
N ILE C 1186 -17.39 3.60 26.32
CA ILE C 1186 -18.24 2.59 26.96
C ILE C 1186 -18.03 2.59 28.47
N ARG C 1187 -16.76 2.66 28.89
CA ARG C 1187 -16.49 2.72 30.33
C ARG C 1187 -17.09 3.97 30.95
N PHE C 1188 -17.01 5.09 30.24
CA PHE C 1188 -17.60 6.33 30.73
C PHE C 1188 -19.12 6.19 30.88
N LEU C 1189 -19.76 5.53 29.92
CA LEU C 1189 -21.20 5.32 29.99
C LEU C 1189 -21.57 4.45 31.18
N TYR C 1190 -20.75 3.43 31.47
CA TYR C 1190 -20.96 2.63 32.67
C TYR C 1190 -20.86 3.50 33.93
N SER C 1191 -19.88 4.40 33.97
CA SER C 1191 -19.75 5.30 35.11
C SER C 1191 -20.98 6.19 35.26
N GLU C 1192 -21.46 6.75 34.15
CA GLU C 1192 -22.64 7.61 34.22
C GLU C 1192 -23.87 6.85 34.68
N LEU C 1193 -24.02 5.61 34.22
CA LEU C 1193 -25.12 4.77 34.70
C LEU C 1193 -24.96 4.47 36.19
N MET C 1194 -23.73 4.37 36.68
CA MET C 1194 -23.51 4.26 38.12
C MET C 1194 -24.01 5.50 38.84
N LYS C 1195 -23.75 6.69 38.28
CA LYS C 1195 -24.12 7.92 38.97
C LYS C 1195 -25.62 8.22 38.95
N TYR C 1196 -26.41 7.50 38.16
CA TYR C 1196 -27.81 7.86 37.98
C TYR C 1196 -28.63 7.43 39.19
N ASN C 1197 -29.51 8.34 39.64
CA ASN C 1197 -30.45 8.06 40.71
C ASN C 1197 -31.65 8.99 40.56
N SER C 1198 -32.65 8.79 41.42
CA SER C 1198 -33.86 9.59 41.35
C SER C 1198 -33.58 11.06 41.65
N GLN C 1199 -32.75 11.34 42.66
CA GLN C 1199 -32.45 12.72 43.02
C GLN C 1199 -31.67 13.42 41.91
N THR C 1200 -30.68 12.76 41.32
CA THR C 1200 -29.84 13.33 40.29
C THR C 1200 -30.35 13.05 38.88
N ALA C 1201 -31.64 12.68 38.75
CA ALA C 1201 -32.19 12.38 37.43
C ALA C 1201 -32.21 13.61 36.52
N LYS C 1202 -32.56 14.78 37.08
CA LYS C 1202 -32.64 16.00 36.26
C LYS C 1202 -31.29 16.42 35.72
N ASP C 1203 -30.23 16.31 36.53
CA ASP C 1203 -28.91 16.80 36.15
C ASP C 1203 -28.13 15.78 35.31
N SER C 1204 -28.68 14.60 35.08
CA SER C 1204 -27.99 13.58 34.30
C SER C 1204 -28.35 13.72 32.82
N ILE C 1205 -27.76 12.86 31.99
CA ILE C 1205 -28.02 12.86 30.56
C ILE C 1205 -29.01 11.78 30.13
N PHE C 1206 -29.46 10.95 31.06
CA PHE C 1206 -30.39 9.88 30.72
C PHE C 1206 -31.80 10.23 31.16
N GLU C 1207 -32.78 9.83 30.35
CA GLU C 1207 -34.19 10.02 30.63
C GLU C 1207 -34.93 8.72 30.35
N PRO C 1208 -36.04 8.49 31.05
CA PRO C 1208 -36.81 7.27 30.79
C PRO C 1208 -37.30 7.23 29.35
N ALA C 1209 -37.30 6.03 28.77
CA ALA C 1209 -37.74 5.82 27.40
C ALA C 1209 -39.14 5.25 27.40
N LYS C 1210 -39.64 4.93 26.21
CA LYS C 1210 -40.98 4.40 26.08
C LYS C 1210 -41.06 3.02 26.75
N GLY C 1211 -42.14 2.81 27.51
CA GLY C 1211 -42.36 1.57 28.21
C GLY C 1211 -41.74 1.49 29.59
N GLY C 1212 -40.79 2.38 29.90
CA GLY C 1212 -40.17 2.39 31.22
C GLY C 1212 -39.20 1.27 31.48
N GLU C 1213 -38.95 0.39 30.51
CA GLU C 1213 -38.03 -0.72 30.74
C GLU C 1213 -36.58 -0.29 30.68
N LYS C 1214 -36.26 0.69 29.83
CA LYS C 1214 -34.89 1.10 29.60
C LYS C 1214 -34.78 2.62 29.65
N LEU C 1215 -33.58 3.10 30.02
CA LEU C 1215 -33.26 4.51 29.91
C LEU C 1215 -32.84 4.84 28.48
N GLN C 1216 -32.71 6.14 28.21
CA GLN C 1216 -32.27 6.58 26.89
C GLN C 1216 -31.53 7.90 27.05
N ILE C 1217 -30.73 8.22 26.03
CA ILE C 1217 -30.00 9.48 26.03
C ILE C 1217 -30.97 10.63 25.80
N LYS C 1218 -30.71 11.77 26.45
CA LYS C 1218 -31.57 12.92 26.25
C LYS C 1218 -31.35 13.52 24.85
N LYS C 1219 -32.38 14.22 24.38
CA LYS C 1219 -32.36 14.74 23.02
C LYS C 1219 -31.27 15.79 22.85
N THR C 1220 -31.08 16.66 23.84
CA THR C 1220 -30.16 17.78 23.67
C THR C 1220 -28.70 17.32 23.64
N VAL C 1221 -28.34 16.36 24.49
CA VAL C 1221 -26.96 15.88 24.57
C VAL C 1221 -26.65 15.00 23.37
N SER C 1222 -25.48 15.23 22.75
CA SER C 1222 -25.06 14.47 21.58
C SER C 1222 -23.59 14.10 21.73
N PHE C 1223 -23.12 13.24 20.84
CA PHE C 1223 -21.73 12.80 20.84
C PHE C 1223 -21.12 13.00 19.46
N HIS C 1224 -19.82 13.28 19.43
CA HIS C 1224 -19.08 13.51 18.20
C HIS C 1224 -17.76 12.77 18.28
N LEU C 1225 -17.21 12.42 17.10
CA LEU C 1225 -15.97 11.66 17.01
C LEU C 1225 -14.95 12.44 16.20
N TYR C 1226 -13.70 12.39 16.64
CA TYR C 1226 -12.59 13.02 15.93
C TYR C 1226 -11.48 11.99 15.76
N ILE C 1227 -10.99 11.85 14.52
CA ILE C 1227 -9.84 10.99 14.23
C ILE C 1227 -8.79 11.82 13.50
N SER C 1228 -7.54 11.68 13.92
CA SER C 1228 -6.46 12.48 13.34
C SER C 1228 -6.27 12.15 11.86
N THR C 1229 -6.34 10.87 11.50
CA THR C 1229 -6.24 10.44 10.11
C THR C 1229 -7.44 9.58 9.76
N ALA C 1230 -7.54 9.23 8.49
CA ALA C 1230 -8.67 8.44 8.03
C ALA C 1230 -8.59 7.03 8.61
N PRO C 1231 -9.74 6.40 8.86
CA PRO C 1231 -9.72 5.00 9.30
C PRO C 1231 -9.19 4.11 8.19
N CYS C 1232 -8.56 3.02 8.59
CA CYS C 1232 -8.08 2.06 7.61
C CYS C 1232 -9.27 1.37 6.94
N GLY C 1233 -9.04 0.87 5.73
CA GLY C 1233 -10.12 0.26 4.99
C GLY C 1233 -10.61 1.16 3.89
N ASP C 1234 -11.93 1.25 3.73
CA ASP C 1234 -12.58 2.02 2.67
C ASP C 1234 -12.55 3.50 2.90
N GLY C 1235 -11.83 4.05 3.87
CA GLY C 1235 -11.83 5.49 4.04
C GLY C 1235 -10.71 6.22 3.35
N ALA C 1236 -9.74 5.50 2.80
CA ALA C 1236 -8.59 6.11 2.14
C ALA C 1236 -8.28 5.41 0.83
N LEU C 1237 -9.31 4.96 0.11
CA LEU C 1237 -9.12 4.36 -1.21
C LEU C 1237 -9.38 5.40 -2.29
N PHE C 1238 -8.46 6.35 -2.41
CA PHE C 1238 -8.61 7.37 -3.43
C PHE C 1238 -7.27 8.03 -3.73
N ASP C 1239 -7.21 8.67 -4.89
CA ASP C 1239 -6.04 9.31 -5.47
C ASP C 1239 -6.23 10.82 -5.49
N LYS C 1240 -5.24 11.52 -6.04
CA LYS C 1240 -5.37 12.97 -6.23
C LYS C 1240 -6.43 13.31 -7.25
N SER C 1241 -6.76 12.36 -8.14
CA SER C 1241 -7.83 12.60 -9.10
C SER C 1241 -9.17 12.77 -8.39
N CYS C 1242 -9.42 11.96 -7.38
CA CYS C 1242 -10.66 12.06 -6.63
C CYS C 1242 -10.53 13.09 -5.51
N ARG C 1253 -26.40 16.73 3.07
CA ARG C 1253 -26.79 15.60 2.25
C ARG C 1253 -25.57 14.75 1.86
N HIS C 1254 -25.66 13.45 2.12
CA HIS C 1254 -24.57 12.56 1.76
C HIS C 1254 -24.46 12.43 0.24
N TYR C 1255 -23.23 12.35 -0.25
CA TYR C 1255 -22.95 12.20 -1.69
C TYR C 1255 -21.96 11.06 -1.88
N PRO C 1256 -22.41 9.81 -1.74
CA PRO C 1256 -21.49 8.68 -1.89
C PRO C 1256 -21.01 8.52 -3.32
N VAL C 1257 -19.87 7.84 -3.45
CA VAL C 1257 -19.22 7.60 -4.74
C VAL C 1257 -19.06 6.10 -4.92
N PHE C 1258 -19.64 5.57 -6.00
CA PHE C 1258 -19.64 4.15 -6.32
C PHE C 1258 -19.21 3.92 -7.76
N GLU C 1259 -18.14 4.59 -8.18
CA GLU C 1259 -17.74 4.52 -9.58
C GLU C 1259 -17.09 3.21 -9.99
N ASN C 1260 -16.70 2.34 -9.06
CA ASN C 1260 -16.03 1.12 -9.46
C ASN C 1260 -16.64 -0.08 -8.76
N PRO C 1261 -16.60 -1.25 -9.40
CA PRO C 1261 -17.15 -2.44 -8.73
C PRO C 1261 -16.42 -2.80 -7.45
N LYS C 1262 -15.11 -2.58 -7.40
CA LYS C 1262 -14.31 -2.99 -6.25
C LYS C 1262 -14.58 -2.15 -5.01
N GLN C 1263 -15.10 -0.94 -5.20
CA GLN C 1263 -15.34 -0.05 -4.08
C GLN C 1263 -16.44 -0.58 -3.17
N GLY C 1264 -16.35 -0.25 -1.89
CA GLY C 1264 -17.30 -0.72 -0.90
C GLY C 1264 -17.05 -2.09 -0.32
N LYS C 1265 -15.91 -2.72 -0.59
CA LYS C 1265 -15.74 -4.08 -0.09
C LYS C 1265 -15.20 -4.04 1.33
N LEU C 1266 -15.46 -5.11 2.08
CA LEU C 1266 -14.88 -5.23 3.41
C LEU C 1266 -13.38 -5.51 3.32
N ARG C 1267 -12.65 -5.00 4.30
CA ARG C 1267 -11.21 -5.21 4.38
C ARG C 1267 -10.84 -5.52 5.83
N THR C 1268 -9.81 -6.36 6.00
CA THR C 1268 -9.36 -6.78 7.31
C THR C 1268 -7.96 -6.23 7.58
N LYS C 1269 -7.69 -5.91 8.84
CA LYS C 1269 -6.37 -5.40 9.22
C LYS C 1269 -5.29 -6.45 9.01
N VAL C 1270 -4.15 -6.01 8.50
CA VAL C 1270 -3.01 -6.88 8.26
C VAL C 1270 -2.01 -6.70 9.39
N GLU C 1271 -1.34 -7.79 9.74
CA GLU C 1271 -0.31 -7.75 10.77
C GLU C 1271 0.94 -7.07 10.25
N ASN C 1272 1.63 -6.36 11.15
CA ASN C 1272 2.80 -5.55 10.81
C ASN C 1272 2.43 -4.48 9.79
N GLY C 1273 1.56 -3.57 10.20
CA GLY C 1273 1.21 -2.45 9.36
C GLY C 1273 -0.09 -1.82 9.80
N GLU C 1274 -0.32 -0.60 9.30
CA GLU C 1274 -1.58 0.10 9.52
C GLU C 1274 -2.61 -0.17 8.43
N GLY C 1275 -2.24 -0.89 7.37
CA GLY C 1275 -3.11 -1.06 6.23
C GLY C 1275 -4.07 -2.23 6.38
N THR C 1276 -4.88 -2.40 5.34
CA THR C 1276 -5.87 -3.46 5.28
C THR C 1276 -5.87 -4.09 3.90
N ILE C 1277 -6.29 -5.34 3.84
CA ILE C 1277 -6.39 -6.07 2.57
C ILE C 1277 -7.81 -6.56 2.39
N PRO C 1278 -8.35 -6.59 1.18
CA PRO C 1278 -9.72 -7.07 0.99
C PRO C 1278 -9.85 -8.54 1.35
N VAL C 1279 -11.05 -8.92 1.78
CA VAL C 1279 -11.33 -10.29 2.15
C VAL C 1279 -11.40 -11.17 0.91
N LEU C 1297 -9.27 -14.82 13.67
CA LEU C 1297 -7.87 -14.40 13.67
C LEU C 1297 -7.68 -13.19 12.75
N ARG C 1298 -8.77 -12.72 12.15
CA ARG C 1298 -8.73 -11.56 11.28
C ARG C 1298 -9.65 -10.48 11.87
N THR C 1299 -9.14 -9.26 11.92
CA THR C 1299 -9.84 -8.13 12.52
C THR C 1299 -10.28 -7.13 11.45
N MET C 1300 -11.59 -6.94 11.30
CA MET C 1300 -12.12 -6.00 10.31
C MET C 1300 -11.50 -4.62 10.44
N SER C 1301 -11.56 -3.85 9.35
CA SER C 1301 -10.92 -2.55 9.34
C SER C 1301 -11.66 -1.60 10.26
N CYS C 1302 -11.06 -0.42 10.47
CA CYS C 1302 -11.72 0.60 11.27
C CYS C 1302 -12.96 1.15 10.58
N SER C 1303 -12.94 1.23 9.24
CA SER C 1303 -14.09 1.75 8.51
C SER C 1303 -15.30 0.84 8.66
N ASP C 1304 -15.08 -0.48 8.58
CA ASP C 1304 -16.19 -1.42 8.73
C ASP C 1304 -16.77 -1.36 10.14
N LYS C 1305 -15.89 -1.19 11.14
CA LYS C 1305 -16.38 -1.08 12.51
C LYS C 1305 -17.12 0.23 12.74
N ILE C 1306 -16.69 1.32 12.09
CA ILE C 1306 -17.45 2.56 12.20
C ILE C 1306 -18.82 2.42 11.53
N LEU C 1307 -18.88 1.68 10.43
CA LEU C 1307 -20.18 1.36 9.82
C LEU C 1307 -21.06 0.55 10.77
N ARG C 1308 -20.47 -0.44 11.45
CA ARG C 1308 -21.22 -1.23 12.41
C ARG C 1308 -21.73 -0.36 13.55
N TRP C 1309 -20.93 0.62 13.97
CA TRP C 1309 -21.40 1.58 14.97
C TRP C 1309 -22.54 2.43 14.44
N ASN C 1310 -22.46 2.85 13.19
CA ASN C 1310 -23.48 3.72 12.61
C ASN C 1310 -24.79 2.98 12.36
N VAL C 1311 -24.76 1.66 12.33
CA VAL C 1311 -25.99 0.87 12.16
C VAL C 1311 -26.53 0.37 13.49
N LEU C 1312 -25.70 -0.27 14.30
CA LEU C 1312 -26.12 -0.89 15.55
C LEU C 1312 -25.88 -0.03 16.79
N GLY C 1313 -25.38 1.19 16.64
CA GLY C 1313 -25.13 2.04 17.78
C GLY C 1313 -23.71 1.93 18.31
N LEU C 1314 -23.42 2.78 19.29
CA LEU C 1314 -22.10 2.83 19.91
C LEU C 1314 -22.01 2.04 21.21
N GLN C 1315 -23.14 1.87 21.90
CA GLN C 1315 -23.14 1.33 23.25
C GLN C 1315 -22.78 -0.15 23.32
N GLY C 1316 -22.85 -0.88 22.21
CA GLY C 1316 -22.58 -2.30 22.24
C GLY C 1316 -23.76 -3.12 22.72
N ALA C 1317 -23.53 -4.43 22.82
CA ALA C 1317 -24.61 -5.35 23.16
C ALA C 1317 -25.01 -5.25 24.62
N LEU C 1318 -24.04 -5.19 25.53
CA LEU C 1318 -24.34 -5.27 26.95
C LEU C 1318 -25.13 -4.06 27.43
N LEU C 1319 -24.77 -2.86 26.99
CA LEU C 1319 -25.47 -1.67 27.43
C LEU C 1319 -26.88 -1.57 26.86
N THR C 1320 -27.19 -2.36 25.82
CA THR C 1320 -28.56 -2.40 25.29
C THR C 1320 -29.55 -2.87 26.35
N HIS C 1321 -29.11 -3.73 27.26
CA HIS C 1321 -29.98 -4.18 28.35
C HIS C 1321 -30.46 -3.02 29.22
N PHE C 1322 -29.75 -1.89 29.20
CA PHE C 1322 -30.12 -0.73 30.01
C PHE C 1322 -30.26 0.55 29.21
N LEU C 1323 -30.06 0.52 27.89
CA LEU C 1323 -30.08 1.75 27.10
C LEU C 1323 -30.55 1.47 25.69
N GLN C 1324 -31.00 2.52 25.02
CA GLN C 1324 -31.26 2.52 23.59
C GLN C 1324 -29.99 2.84 22.83
N PRO C 1325 -29.89 2.42 21.56
CA PRO C 1325 -28.67 2.67 20.80
C PRO C 1325 -28.36 4.16 20.70
N ILE C 1326 -27.07 4.48 20.72
CA ILE C 1326 -26.57 5.85 20.63
C ILE C 1326 -25.72 5.95 19.39
N TYR C 1327 -25.96 7.00 18.59
CA TYR C 1327 -25.27 7.19 17.32
C TYR C 1327 -24.52 8.51 17.30
N LEU C 1328 -23.37 8.52 16.64
CA LEU C 1328 -22.58 9.73 16.52
C LEU C 1328 -23.33 10.81 15.75
N LYS C 1329 -23.29 12.03 16.26
CA LYS C 1329 -23.84 13.16 15.55
C LYS C 1329 -22.95 13.63 14.41
N SER C 1330 -21.63 13.49 14.56
CA SER C 1330 -20.70 13.98 13.54
C SER C 1330 -19.40 13.21 13.62
N VAL C 1331 -18.73 13.09 12.47
CA VAL C 1331 -17.42 12.46 12.37
C VAL C 1331 -16.47 13.49 11.76
N THR C 1332 -15.37 13.78 12.47
CA THR C 1332 -14.41 14.78 12.05
C THR C 1332 -13.09 14.09 11.74
N LEU C 1333 -12.48 14.44 10.61
CA LEU C 1333 -11.21 13.87 10.20
C LEU C 1333 -10.14 14.95 10.13
N GLY C 1334 -8.95 14.62 10.58
CA GLY C 1334 -7.83 15.53 10.52
C GLY C 1334 -7.04 15.43 9.23
N TYR C 1335 -6.73 14.20 8.79
CA TYR C 1335 -6.00 13.98 7.55
C TYR C 1335 -6.66 12.85 6.75
N LEU C 1336 -6.39 12.86 5.44
CA LEU C 1336 -6.91 11.87 4.50
C LEU C 1336 -8.44 11.90 4.49
N PHE C 1337 -8.98 13.04 4.07
CA PHE C 1337 -10.42 13.26 4.04
C PHE C 1337 -10.94 13.38 2.61
N SER C 1338 -11.73 12.39 2.20
CA SER C 1338 -12.48 12.46 0.96
C SER C 1338 -13.95 12.31 1.32
N GLN C 1339 -14.77 13.25 0.85
CA GLN C 1339 -16.19 13.22 1.16
C GLN C 1339 -16.87 11.98 0.57
N GLY C 1340 -16.58 11.68 -0.70
CA GLY C 1340 -17.28 10.58 -1.34
C GLY C 1340 -16.99 9.23 -0.69
N HIS C 1341 -15.72 8.99 -0.38
CA HIS C 1341 -15.35 7.65 0.06
C HIS C 1341 -15.48 7.51 1.57
N LEU C 1342 -15.54 8.62 2.30
CA LEU C 1342 -15.84 8.50 3.72
C LEU C 1342 -17.33 8.26 3.94
N THR C 1343 -18.17 9.04 3.26
CA THR C 1343 -19.61 8.79 3.42
C THR C 1343 -20.00 7.43 2.85
N ARG C 1344 -19.37 6.99 1.76
CA ARG C 1344 -19.62 5.63 1.32
C ARG C 1344 -19.12 4.61 2.34
N ALA C 1345 -17.97 4.88 2.97
CA ALA C 1345 -17.35 3.87 3.82
C ALA C 1345 -18.11 3.66 5.12
N ILE C 1346 -18.58 4.74 5.74
CA ILE C 1346 -19.08 4.65 7.11
C ILE C 1346 -20.60 4.50 7.15
N CYS C 1347 -21.34 5.18 6.28
CA CYS C 1347 -22.80 5.12 6.35
C CYS C 1347 -23.46 4.63 5.08
N CYS C 1348 -23.09 5.16 3.92
CA CYS C 1348 -23.91 5.02 2.72
C CYS C 1348 -23.68 3.72 1.96
N ARG C 1349 -22.75 2.88 2.38
CA ARG C 1349 -22.50 1.65 1.64
C ARG C 1349 -23.67 0.68 1.69
N VAL C 1350 -24.61 0.87 2.63
CA VAL C 1350 -25.81 0.04 2.72
C VAL C 1350 -27.03 0.74 2.13
N THR C 1351 -26.83 1.84 1.41
CA THR C 1351 -27.91 2.59 0.78
C THR C 1351 -27.63 2.73 -0.73
N ARG C 1352 -26.73 1.90 -1.27
CA ARG C 1352 -26.39 1.99 -2.68
C ARG C 1352 -27.56 1.59 -3.57
N ASP C 1353 -28.24 0.49 -3.24
CA ASP C 1353 -29.30 -0.06 -4.08
C ASP C 1353 -30.68 0.32 -3.57
N GLY C 1354 -30.84 1.53 -3.06
CA GLY C 1354 -32.15 1.98 -2.63
C GLY C 1354 -32.36 1.77 -1.15
N SER C 1355 -33.62 1.95 -0.74
CA SER C 1355 -34.01 1.87 0.67
C SER C 1355 -34.60 0.51 1.01
N ALA C 1356 -34.06 -0.56 0.43
CA ALA C 1356 -34.50 -1.91 0.73
C ALA C 1356 -33.85 -2.48 1.98
N PHE C 1357 -32.94 -1.76 2.62
CA PHE C 1357 -32.28 -2.21 3.84
C PHE C 1357 -32.89 -1.61 5.11
N GLU C 1358 -33.28 -0.33 5.06
CA GLU C 1358 -33.82 0.33 6.24
C GLU C 1358 -35.15 -0.25 6.67
N ASP C 1359 -36.01 -0.63 5.71
CA ASP C 1359 -37.34 -1.12 6.06
C ASP C 1359 -37.26 -2.40 6.88
N GLY C 1360 -36.28 -3.25 6.59
CA GLY C 1360 -36.11 -4.48 7.35
C GLY C 1360 -35.43 -4.32 8.68
N LEU C 1361 -35.04 -3.10 9.04
CA LEU C 1361 -34.37 -2.83 10.31
C LEU C 1361 -35.41 -2.56 11.38
N ARG C 1362 -35.52 -3.47 12.35
CA ARG C 1362 -36.47 -3.29 13.43
C ARG C 1362 -36.08 -2.11 14.30
N HIS C 1363 -37.07 -1.37 14.76
CA HIS C 1363 -36.81 -0.23 15.61
C HIS C 1363 -36.24 -0.71 16.96
N PRO C 1364 -35.43 0.11 17.64
CA PRO C 1364 -35.03 1.49 17.33
C PRO C 1364 -33.77 1.61 16.47
N PHE C 1365 -33.19 0.51 15.99
CA PHE C 1365 -31.98 0.59 15.18
C PHE C 1365 -32.28 1.28 13.86
N ILE C 1366 -31.42 2.23 13.49
CA ILE C 1366 -31.56 2.99 12.26
C ILE C 1366 -30.20 3.07 11.57
N VAL C 1367 -30.23 3.39 10.29
CA VAL C 1367 -29.01 3.57 9.49
C VAL C 1367 -28.61 5.04 9.64
N ASN C 1368 -27.82 5.32 10.66
CA ASN C 1368 -27.41 6.69 10.94
C ASN C 1368 -26.53 7.23 9.82
N HIS C 1369 -26.67 8.54 9.57
CA HIS C 1369 -25.91 9.25 8.55
C HIS C 1369 -25.26 10.48 9.18
N PRO C 1370 -24.21 10.28 9.97
CA PRO C 1370 -23.63 11.41 10.70
C PRO C 1370 -23.03 12.45 9.77
N LYS C 1371 -23.06 13.70 10.21
CA LYS C 1371 -22.45 14.78 9.45
C LYS C 1371 -20.94 14.61 9.42
N VAL C 1372 -20.36 14.71 8.22
CA VAL C 1372 -18.95 14.42 7.98
C VAL C 1372 -18.23 15.71 7.62
N GLY C 1373 -17.12 15.99 8.31
CA GLY C 1373 -16.41 17.24 8.13
C GLY C 1373 -14.90 17.05 8.20
N ARG C 1374 -14.19 18.14 7.90
CA ARG C 1374 -12.74 18.13 7.88
C ARG C 1374 -12.21 19.37 8.59
N VAL C 1375 -10.97 19.27 9.09
CA VAL C 1375 -10.33 20.39 9.76
C VAL C 1375 -9.92 21.42 8.71
N SER C 1376 -10.09 22.70 9.03
CA SER C 1376 -9.92 23.74 8.02
C SER C 1376 -8.49 23.77 7.48
N ILE C 1377 -7.50 23.89 8.36
CA ILE C 1377 -6.11 24.01 7.96
C ILE C 1377 -5.38 22.73 8.38
N TYR C 1378 -4.47 22.27 7.53
CA TYR C 1378 -3.80 21.00 7.76
C TYR C 1378 -2.32 21.11 7.46
N ASP C 1379 -1.53 20.27 8.12
CA ASP C 1379 -0.11 20.18 7.82
C ASP C 1379 0.10 19.64 6.41
N SER C 1380 1.05 20.23 5.69
CA SER C 1380 1.23 19.87 4.28
C SER C 1380 1.97 18.54 4.15
N LYS C 1381 3.25 18.53 4.50
CA LYS C 1381 4.08 17.33 4.43
C LYS C 1381 3.43 16.18 5.17
N ARG C 1382 3.22 15.06 4.49
CA ARG C 1382 2.73 13.88 5.20
C ARG C 1382 3.80 13.47 6.20
N GLN C 1383 3.37 12.99 7.37
CA GLN C 1383 4.31 12.67 8.43
C GLN C 1383 4.66 11.20 8.31
N SER C 1384 5.92 10.92 7.99
CA SER C 1384 6.40 9.55 7.86
C SER C 1384 7.25 9.12 9.04
N GLY C 1385 7.31 9.94 10.08
CA GLY C 1385 8.17 9.64 11.20
C GLY C 1385 7.73 8.37 11.91
N LYS C 1386 8.71 7.57 12.33
CA LYS C 1386 8.39 6.28 12.90
C LYS C 1386 7.58 6.48 14.18
N THR C 1387 6.60 5.62 14.40
CA THR C 1387 5.63 5.79 15.47
C THR C 1387 5.71 4.61 16.43
N LYS C 1388 5.79 4.93 17.72
CA LYS C 1388 5.84 3.90 18.74
C LYS C 1388 4.52 3.15 18.81
N GLU C 1389 4.60 1.88 19.22
CA GLU C 1389 3.44 1.02 19.31
C GLU C 1389 2.76 1.08 20.67
N THR C 1390 2.98 2.15 21.44
CA THR C 1390 2.25 2.36 22.67
C THR C 1390 0.88 2.96 22.40
N SER C 1391 -0.10 2.58 23.21
CA SER C 1391 -1.47 3.03 23.08
C SER C 1391 -1.93 3.64 24.40
N VAL C 1392 -2.38 4.90 24.36
CA VAL C 1392 -2.81 5.63 25.54
C VAL C 1392 -4.34 5.73 25.50
N ASN C 1393 -4.98 5.35 26.59
CA ASN C 1393 -6.44 5.41 26.68
C ASN C 1393 -6.85 6.11 27.97
N TRP C 1394 -7.98 6.81 27.92
CA TRP C 1394 -8.48 7.58 29.04
C TRP C 1394 -9.97 7.82 28.88
N CYS C 1395 -10.67 7.91 30.02
CA CYS C 1395 -12.08 8.25 30.05
C CYS C 1395 -12.29 9.37 31.06
N LEU C 1396 -13.40 10.10 30.91
CA LEU C 1396 -13.65 11.28 31.72
C LEU C 1396 -13.75 10.97 33.20
N ALA C 1397 -14.07 9.73 33.57
CA ALA C 1397 -14.24 9.35 34.96
C ALA C 1397 -12.94 8.91 35.62
N ASP C 1398 -11.82 9.02 34.92
CA ASP C 1398 -10.54 8.56 35.44
C ASP C 1398 -9.63 9.70 35.89
N GLY C 1399 -10.06 10.94 35.79
CA GLY C 1399 -9.25 12.05 36.25
C GLY C 1399 -7.99 12.25 35.45
N TYR C 1400 -6.85 11.92 36.05
CA TYR C 1400 -5.52 12.13 35.46
C TYR C 1400 -4.69 10.86 35.55
N ASP C 1401 -5.26 9.72 35.14
CA ASP C 1401 -4.55 8.45 35.19
C ASP C 1401 -4.66 7.81 33.80
N LEU C 1402 -3.72 8.14 32.93
CA LEU C 1402 -3.66 7.49 31.63
C LEU C 1402 -3.14 6.07 31.77
N GLU C 1403 -3.53 5.21 30.85
CA GLU C 1403 -3.04 3.84 30.79
C GLU C 1403 -2.31 3.64 29.46
N ILE C 1404 -1.16 2.96 29.51
CA ILE C 1404 -0.33 2.72 28.33
C ILE C 1404 -0.29 1.23 28.03
N LEU C 1405 -0.65 0.88 26.81
CA LEU C 1405 -0.58 -0.49 26.32
C LEU C 1405 0.32 -0.54 25.09
N ASP C 1406 0.77 -1.75 24.75
CA ASP C 1406 1.51 -2.00 23.53
C ASP C 1406 0.61 -2.78 22.57
N GLY C 1407 0.41 -2.24 21.37
CA GLY C 1407 -0.51 -2.85 20.42
C GLY C 1407 -0.09 -4.21 19.92
N THR C 1408 1.20 -4.52 19.98
CA THR C 1408 1.67 -5.82 19.51
C THR C 1408 1.10 -6.96 20.34
N ARG C 1409 0.89 -6.74 21.64
CA ARG C 1409 0.34 -7.76 22.52
C ARG C 1409 -1.02 -7.37 23.09
N GLY C 1410 -1.14 -6.16 23.62
CA GLY C 1410 -2.41 -5.72 24.16
C GLY C 1410 -2.50 -5.78 25.67
N THR C 1411 -1.45 -5.34 26.35
CA THR C 1411 -1.42 -5.34 27.80
C THR C 1411 -0.73 -4.05 28.27
N VAL C 1412 -0.89 -3.75 29.56
CA VAL C 1412 -0.28 -2.56 30.13
C VAL C 1412 1.23 -2.67 30.07
N ASP C 1413 1.88 -1.59 29.64
CA ASP C 1413 3.34 -1.57 29.51
C ASP C 1413 3.97 -1.68 30.89
N GLY C 1414 4.53 -2.84 31.19
CA GLY C 1414 5.14 -3.10 32.46
C GLY C 1414 5.56 -4.54 32.60
N PRO C 1415 6.60 -4.80 33.41
CA PRO C 1415 7.06 -6.18 33.60
C PRO C 1415 6.01 -7.10 34.19
N ARG C 1416 5.12 -6.59 35.04
CA ARG C 1416 4.09 -7.42 35.64
C ARG C 1416 3.00 -7.81 34.66
N ASN C 1417 2.90 -7.12 33.52
CA ASN C 1417 1.90 -7.39 32.50
C ASN C 1417 0.48 -7.30 33.08
N GLU C 1418 0.14 -6.10 33.53
CA GLU C 1418 -1.15 -5.85 34.15
C GLU C 1418 -2.28 -5.98 33.13
N LEU C 1419 -3.45 -6.33 33.64
CA LEU C 1419 -4.64 -6.41 32.79
C LEU C 1419 -5.12 -5.00 32.47
N SER C 1420 -5.39 -4.75 31.19
CA SER C 1420 -5.85 -3.44 30.76
C SER C 1420 -7.23 -3.14 31.34
N ARG C 1421 -7.49 -1.86 31.56
CA ARG C 1421 -8.77 -1.45 32.10
C ARG C 1421 -9.85 -1.34 31.04
N VAL C 1422 -9.50 -1.44 29.77
CA VAL C 1422 -10.46 -1.48 28.67
C VAL C 1422 -10.63 -2.90 28.13
N SER C 1423 -10.11 -3.90 28.84
CA SER C 1423 -10.20 -5.28 28.44
C SER C 1423 -11.60 -5.83 28.68
N LYS C 1424 -11.84 -7.05 28.19
CA LYS C 1424 -13.15 -7.67 28.35
C LYS C 1424 -13.47 -7.95 29.81
N LYS C 1425 -12.46 -8.35 30.60
CA LYS C 1425 -12.71 -8.69 31.99
C LYS C 1425 -13.21 -7.50 32.79
N ASN C 1426 -12.58 -6.33 32.61
CA ASN C 1426 -13.01 -5.15 33.36
C ASN C 1426 -14.40 -4.70 32.93
N ILE C 1427 -14.71 -4.77 31.64
CA ILE C 1427 -16.02 -4.39 31.16
C ILE C 1427 -17.09 -5.34 31.72
N PHE C 1428 -16.78 -6.64 31.76
CA PHE C 1428 -17.73 -7.59 32.32
C PHE C 1428 -17.94 -7.36 33.81
N LEU C 1429 -16.87 -7.01 34.53
CA LEU C 1429 -17.02 -6.67 35.94
C LEU C 1429 -17.90 -5.44 36.13
N LEU C 1430 -17.65 -4.41 35.33
CA LEU C 1430 -18.44 -3.18 35.42
C LEU C 1430 -19.91 -3.45 35.14
N PHE C 1431 -20.20 -4.27 34.11
CA PHE C 1431 -21.58 -4.64 33.83
C PHE C 1431 -22.20 -5.44 34.97
N LYS C 1432 -21.46 -6.39 35.55
CA LYS C 1432 -22.05 -7.19 36.63
C LYS C 1432 -22.30 -6.35 37.87
N LYS C 1433 -21.52 -5.28 38.04
CA LYS C 1433 -21.78 -4.34 39.12
C LYS C 1433 -23.01 -3.49 38.82
N LEU C 1434 -23.17 -3.07 37.56
CA LEU C 1434 -24.39 -2.35 37.19
C LEU C 1434 -25.62 -3.21 37.40
N CYS C 1435 -25.54 -4.48 37.00
CA CYS C 1435 -26.68 -5.38 37.17
C CYS C 1435 -26.98 -5.62 38.65
N SER C 1436 -25.95 -5.76 39.48
CA SER C 1436 -26.18 -5.90 40.92
C SER C 1436 -26.82 -4.64 41.50
N PHE C 1437 -26.39 -3.47 41.04
CA PHE C 1437 -26.97 -2.22 41.51
C PHE C 1437 -28.41 -2.05 41.05
N ARG C 1438 -28.76 -2.61 39.90
CA ARG C 1438 -30.09 -2.43 39.34
C ARG C 1438 -31.06 -3.54 39.74
N TYR C 1439 -30.65 -4.42 40.65
CA TYR C 1439 -31.49 -5.50 41.18
C TYR C 1439 -31.92 -6.48 40.08
N ARG C 1440 -31.18 -6.54 38.97
CA ARG C 1440 -31.49 -7.46 37.88
C ARG C 1440 -30.65 -8.72 38.04
N ARG C 1441 -31.07 -9.55 39.00
CA ARG C 1441 -30.36 -10.79 39.27
C ARG C 1441 -30.47 -11.79 38.12
N ASP C 1442 -31.37 -11.57 37.16
CA ASP C 1442 -31.50 -12.48 36.03
C ASP C 1442 -30.23 -12.48 35.19
N LEU C 1443 -29.64 -11.30 34.98
CA LEU C 1443 -28.47 -11.18 34.11
C LEU C 1443 -27.17 -11.56 34.80
N LEU C 1444 -27.19 -11.71 36.13
CA LEU C 1444 -25.96 -12.07 36.84
C LEU C 1444 -25.50 -13.48 36.47
N ARG C 1445 -26.43 -14.42 36.36
CA ARG C 1445 -26.09 -15.82 36.12
C ARG C 1445 -25.53 -16.04 34.72
N LEU C 1446 -25.77 -15.11 33.79
CA LEU C 1446 -25.30 -15.29 32.42
C LEU C 1446 -23.83 -14.94 32.31
N SER C 1447 -23.09 -15.75 31.54
CA SER C 1447 -21.70 -15.48 31.23
C SER C 1447 -21.61 -14.39 30.17
N TYR C 1448 -20.40 -14.11 29.69
CA TYR C 1448 -20.24 -13.07 28.69
C TYR C 1448 -21.01 -13.40 27.42
N GLY C 1449 -20.85 -14.62 26.91
CA GLY C 1449 -21.58 -15.02 25.72
C GLY C 1449 -23.09 -15.09 25.94
N GLU C 1450 -23.51 -15.66 27.07
CA GLU C 1450 -24.94 -15.76 27.35
C GLU C 1450 -25.57 -14.39 27.54
N ALA C 1451 -24.89 -13.50 28.26
CA ALA C 1451 -25.42 -12.14 28.45
C ALA C 1451 -25.42 -11.36 27.15
N LYS C 1452 -24.40 -11.56 26.31
CA LYS C 1452 -24.37 -10.86 25.03
C LYS C 1452 -25.50 -11.32 24.13
N LYS C 1453 -25.76 -12.63 24.11
CA LYS C 1453 -26.87 -13.17 23.32
C LYS C 1453 -28.22 -12.96 23.99
N ALA C 1454 -28.25 -12.53 25.25
CA ALA C 1454 -29.52 -12.27 25.91
C ALA C 1454 -30.25 -11.10 25.27
N ALA C 1455 -29.53 -10.10 24.77
CA ALA C 1455 -30.17 -8.98 24.10
C ALA C 1455 -30.67 -9.44 22.74
N ARG C 1456 -31.91 -9.90 22.69
CA ARG C 1456 -32.44 -10.48 21.45
C ARG C 1456 -32.53 -9.44 20.34
N ASP C 1457 -33.01 -8.25 20.66
CA ASP C 1457 -33.21 -7.23 19.64
C ASP C 1457 -31.88 -6.85 18.99
N TYR C 1458 -30.86 -6.61 19.80
CA TYR C 1458 -29.56 -6.19 19.27
C TYR C 1458 -28.94 -7.28 18.43
N GLU C 1459 -29.01 -8.54 18.89
CA GLU C 1459 -28.40 -9.63 18.14
C GLU C 1459 -29.12 -9.88 16.82
N THR C 1460 -30.46 -9.72 16.82
CA THR C 1460 -31.19 -9.83 15.56
C THR C 1460 -30.81 -8.71 14.59
N ALA C 1461 -30.69 -7.48 15.10
CA ALA C 1461 -30.26 -6.39 14.23
C ALA C 1461 -28.85 -6.62 13.70
N LYS C 1462 -27.96 -7.15 14.53
CA LYS C 1462 -26.60 -7.43 14.09
C LYS C 1462 -26.58 -8.49 13.00
N ASN C 1463 -27.34 -9.57 13.18
CA ASN C 1463 -27.39 -10.62 12.19
C ASN C 1463 -27.99 -10.10 10.88
N TYR C 1464 -29.04 -9.30 10.98
CA TYR C 1464 -29.64 -8.73 9.78
C TYR C 1464 -28.67 -7.82 9.04
N PHE C 1465 -27.91 -7.00 9.77
CA PHE C 1465 -26.93 -6.12 9.13
C PHE C 1465 -25.82 -6.91 8.45
N LYS C 1466 -25.34 -7.98 9.11
CA LYS C 1466 -24.34 -8.83 8.49
C LYS C 1466 -24.87 -9.49 7.22
N LYS C 1467 -26.10 -10.00 7.27
CA LYS C 1467 -26.68 -10.63 6.09
C LYS C 1467 -26.88 -9.63 4.97
N GLY C 1468 -27.30 -8.41 5.30
CA GLY C 1468 -27.44 -7.38 4.29
C GLY C 1468 -26.12 -7.00 3.66
N LEU C 1469 -25.04 -7.01 4.44
CA LEU C 1469 -23.72 -6.77 3.86
C LEU C 1469 -23.31 -7.91 2.93
N LYS C 1470 -23.56 -9.16 3.34
CA LYS C 1470 -23.23 -10.29 2.48
C LYS C 1470 -24.06 -10.34 1.21
N ASP C 1471 -25.30 -9.84 1.27
CA ASP C 1471 -26.18 -9.93 0.11
C ASP C 1471 -25.69 -9.02 -1.01
N MET C 1472 -25.38 -7.77 -0.69
CA MET C 1472 -25.01 -6.79 -1.71
C MET C 1472 -23.64 -7.04 -2.32
N GLY C 1473 -22.96 -8.12 -1.93
CA GLY C 1473 -21.66 -8.45 -2.48
C GLY C 1473 -20.47 -7.78 -1.82
N TYR C 1474 -20.31 -7.95 -0.51
CA TYR C 1474 -19.21 -7.35 0.22
C TYR C 1474 -18.37 -8.36 0.98
N GLY C 1475 -18.65 -9.65 0.85
CA GLY C 1475 -17.91 -10.67 1.57
C GLY C 1475 -18.44 -10.90 2.97
N ASN C 1476 -18.05 -12.03 3.54
CA ASN C 1476 -18.54 -12.46 4.83
C ASN C 1476 -17.78 -11.79 5.98
N TRP C 1477 -18.53 -11.16 6.88
CA TRP C 1477 -17.93 -10.63 8.10
C TRP C 1477 -17.47 -11.78 8.99
N ILE C 1478 -16.23 -11.72 9.45
CA ILE C 1478 -15.65 -12.77 10.26
C ILE C 1478 -15.92 -12.48 11.73
N SER C 1479 -16.34 -13.51 12.47
CA SER C 1479 -16.56 -13.43 13.90
C SER C 1479 -15.68 -14.46 14.61
N LYS C 1480 -15.09 -14.04 15.73
CA LYS C 1480 -14.20 -14.93 16.46
C LYS C 1480 -15.00 -16.09 17.07
N PRO C 1481 -14.35 -17.23 17.31
CA PRO C 1481 -15.05 -18.37 17.92
C PRO C 1481 -15.65 -18.01 19.27
N GLN C 1482 -16.81 -18.61 19.55
CA GLN C 1482 -17.55 -18.28 20.76
C GLN C 1482 -16.84 -18.72 22.03
N GLU C 1483 -15.84 -19.60 21.91
CA GLU C 1483 -15.09 -20.03 23.09
C GLU C 1483 -14.36 -18.88 23.75
N GLU C 1484 -14.03 -17.84 22.97
CA GLU C 1484 -13.39 -16.66 23.53
C GLU C 1484 -14.33 -15.92 24.47
N LYS C 1485 -15.59 -15.81 24.11
CA LYS C 1485 -16.58 -15.09 24.90
C LYS C 1485 -17.26 -15.98 25.94
N ASN C 1486 -16.93 -17.26 25.99
CA ASN C 1486 -17.53 -18.18 26.96
C ASN C 1486 -16.65 -18.29 28.21
N PHE C 1487 -16.46 -17.16 28.88
CA PHE C 1487 -15.66 -17.11 30.10
C PHE C 1487 -16.52 -16.57 31.23
N TYR C 1488 -16.36 -17.16 32.42
CA TYR C 1488 -17.09 -16.76 33.61
C TYR C 1488 -16.18 -15.99 34.55
N LEU C 1489 -16.67 -14.85 35.02
CA LEU C 1489 -15.89 -14.02 35.93
C LEU C 1489 -15.69 -14.74 37.27
N CYS C 1490 -14.49 -14.59 37.83
CA CYS C 1490 -14.17 -15.21 39.11
C CYS C 1490 -14.59 -14.32 40.28
#